data_5QJW
#
_entry.id   5QJW
#
_cell.length_a   49.535
_cell.length_b   59.991
_cell.length_c   80.050
_cell.angle_alpha   79.160
_cell.angle_beta   81.160
_cell.angle_gamma   75.310
#
_symmetry.space_group_name_H-M   'P 1'
#
loop_
_entity.id
_entity.type
_entity.pdbx_description
1 polymer 'ADP-sugar pyrophosphatase'
2 non-polymer 'MAGNESIUM ION'
3 non-polymer 'CHLORIDE ION'
4 non-polymer 4-(furan-2-carbonyl)piperazine-1-carboxamide
5 non-polymer 1,2-ETHANEDIOL
6 water water
#
_entity_poly.entity_id   1
_entity_poly.type   'polypeptide(L)'
_entity_poly.pdbx_seq_one_letter_code
;SMESQEPTESSQNGKQYIISEELISEGKWVKLEKTTYMDPTGKTRTWESVKRTTRKEQTADGVAVIPVLQRTLHYECIVL
VKQFRPPMGGYCIEFPAGLIDDGETPEAAALRELEEETGYKGDIAECSPAVCMDPGLSNCTIHIVTVTINGDDAENARPK
PKPGDGEFVEVISLPKNDLLQRLDALVAEEHLTVDARVYSYALALKHAN
;
_entity_poly.pdbx_strand_id   A,B,C,D
#
# COMPACT_ATOMS: atom_id res chain seq x y z
N LYS A 15 33.60 -24.50 21.99
CA LYS A 15 34.58 -23.97 22.97
C LYS A 15 33.87 -23.52 24.26
N GLN A 16 32.76 -22.78 24.11
CA GLN A 16 32.02 -22.28 25.29
C GLN A 16 30.88 -23.20 25.76
N TYR A 17 30.65 -23.16 27.07
CA TYR A 17 29.60 -23.96 27.68
C TYR A 17 29.20 -23.40 29.00
N ILE A 18 28.07 -23.90 29.46
CA ILE A 18 27.54 -23.47 30.74
C ILE A 18 28.22 -24.31 31.81
N ILE A 19 28.68 -23.63 32.84
CA ILE A 19 29.20 -24.26 34.11
C ILE A 19 28.16 -24.46 35.21
N SER A 20 27.37 -23.42 35.49
CA SER A 20 26.33 -23.49 36.53
C SER A 20 25.22 -22.45 36.29
N GLU A 21 24.06 -22.67 36.87
CA GLU A 21 22.92 -21.72 36.77
C GLU A 21 22.32 -21.59 38.20
N GLU A 22 22.48 -20.43 38.82
CA GLU A 22 22.03 -20.14 40.20
C GLU A 22 20.81 -19.28 40.15
N LEU A 23 19.72 -19.77 40.75
CA LEU A 23 18.51 -18.99 40.85
C LEU A 23 18.82 -17.73 41.63
N ILE A 24 18.44 -16.57 41.12
CA ILE A 24 18.47 -15.31 41.86
C ILE A 24 17.06 -14.98 42.41
N SER A 25 16.06 -14.91 41.55
CA SER A 25 14.68 -14.62 41.95
C SER A 25 13.69 -15.37 41.09
N GLU A 26 12.68 -16.04 41.66
CA GLU A 26 11.72 -16.83 40.90
C GLU A 26 10.32 -16.28 41.17
N GLY A 27 9.67 -15.76 40.13
CA GLY A 27 8.29 -15.35 40.20
C GLY A 27 7.42 -16.52 39.81
N LYS A 28 6.14 -16.26 39.59
CA LYS A 28 5.24 -17.32 39.13
C LYS A 28 5.38 -17.59 37.62
N TRP A 29 5.91 -16.61 36.88
CA TRP A 29 5.98 -16.66 35.41
C TRP A 29 7.38 -16.54 34.81
N VAL A 30 8.30 -15.92 35.54
CA VAL A 30 9.65 -15.61 35.10
C VAL A 30 10.59 -15.83 36.28
N LYS A 31 11.83 -16.21 35.98
CA LYS A 31 12.92 -16.22 36.95
C LYS A 31 14.19 -15.58 36.38
N LEU A 32 15.02 -15.05 37.28
CA LEU A 32 16.29 -14.46 36.94
C LEU A 32 17.35 -15.43 37.49
N GLU A 33 18.37 -15.71 36.69
CA GLU A 33 19.43 -16.62 37.11
C GLU A 33 20.78 -15.99 36.88
N LYS A 34 21.76 -16.42 37.69
CA LYS A 34 23.17 -16.09 37.47
C LYS A 34 23.80 -17.27 36.76
N THR A 35 24.19 -17.08 35.51
CA THR A 35 24.76 -18.11 34.71
C THR A 35 26.24 -17.98 34.77
N THR A 36 26.91 -19.06 35.12
CA THR A 36 28.33 -19.12 35.01
C THR A 36 28.67 -19.94 33.78
N TYR A 37 29.58 -19.41 32.98
CA TYR A 37 30.00 -20.06 31.78
C TYR A 37 31.51 -19.87 31.51
N MET A 38 32.01 -20.72 30.62
CA MET A 38 33.42 -20.73 30.19
C MET A 38 33.56 -19.98 28.89
N ASP A 39 34.46 -19.01 28.87
CA ASP A 39 34.72 -18.23 27.63
C ASP A 39 35.74 -18.95 26.79
N PRO A 40 35.90 -18.51 25.56
CA PRO A 40 36.75 -19.32 24.72
C PRO A 40 38.26 -19.08 24.93
N THR A 41 38.65 -18.09 25.78
CA THR A 41 40.05 -18.00 26.32
C THR A 41 40.24 -18.91 27.56
N GLY A 42 39.30 -19.82 27.87
CA GLY A 42 39.34 -20.65 29.07
C GLY A 42 39.10 -19.95 30.42
N LYS A 43 38.58 -18.73 30.40
CA LYS A 43 38.26 -17.95 31.58
C LYS A 43 36.76 -18.07 31.91
N THR A 44 36.49 -18.20 33.20
CA THR A 44 35.15 -18.43 33.73
C THR A 44 34.48 -16.99 33.77
N ARG A 45 33.25 -16.81 33.25
CA ARG A 45 32.49 -15.53 33.37
C ARG A 45 31.02 -15.77 33.78
N THR A 46 30.34 -14.69 34.13
CA THR A 46 28.94 -14.77 34.47
C THR A 46 28.08 -13.87 33.59
N TRP A 47 26.79 -14.17 33.64
CA TRP A 47 25.75 -13.52 32.86
C TRP A 47 24.46 -13.52 33.73
N GLU A 48 23.68 -12.46 33.65
CA GLU A 48 22.35 -12.47 34.21
C GLU A 48 21.31 -12.91 33.15
N SER A 49 20.61 -13.98 33.43
CA SER A 49 19.80 -14.68 32.44
C SER A 49 18.38 -14.69 32.90
N VAL A 50 17.47 -14.46 31.95
CA VAL A 50 16.03 -14.53 32.22
C VAL A 50 15.51 -15.80 31.61
N LYS A 51 14.63 -16.50 32.32
CA LYS A 51 13.93 -17.63 31.78
C LYS A 51 12.43 -17.60 32.19
N ARG A 52 11.56 -18.24 31.42
CA ARG A 52 10.18 -18.48 31.92
C ARG A 52 10.16 -19.66 32.85
N THR A 53 9.19 -19.69 33.77
CA THR A 53 8.96 -20.82 34.66
C THR A 53 7.97 -21.86 34.07
N THR A 54 7.46 -21.59 32.86
CA THR A 54 6.35 -22.32 32.25
C THR A 54 6.76 -23.35 31.19
N ARG A 55 8.04 -23.53 30.89
CA ARG A 55 8.43 -24.41 29.82
C ARG A 55 8.61 -25.81 30.37
N LYS A 56 7.95 -26.78 29.81
CA LYS A 56 8.01 -28.17 30.28
C LYS A 56 8.76 -28.98 29.22
N GLU A 57 8.04 -29.82 28.47
CA GLU A 57 8.65 -30.58 27.36
C GLU A 57 8.43 -29.89 25.99
N GLN A 58 7.82 -28.70 25.93
CA GLN A 58 7.69 -28.04 24.64
C GLN A 58 9.06 -27.80 24.00
N THR A 59 9.06 -27.83 22.69
CA THR A 59 10.25 -27.56 21.90
C THR A 59 10.59 -26.07 21.89
N ALA A 60 9.69 -25.25 22.46
CA ALA A 60 9.84 -23.82 22.58
C ALA A 60 8.79 -23.32 23.55
N ASP A 61 8.96 -22.09 24.04
CA ASP A 61 8.01 -21.49 24.91
C ASP A 61 6.70 -21.21 24.23
N GLY A 62 6.78 -20.72 22.98
CA GLY A 62 5.65 -20.07 22.37
C GLY A 62 5.62 -20.30 20.85
N VAL A 63 4.54 -19.78 20.25
CA VAL A 63 4.44 -19.63 18.80
C VAL A 63 4.12 -18.19 18.47
N ALA A 64 4.59 -17.74 17.33
CA ALA A 64 4.04 -16.55 16.69
C ALA A 64 3.56 -17.01 15.30
N VAL A 65 2.44 -16.46 14.85
CA VAL A 65 1.80 -16.89 13.64
C VAL A 65 1.94 -15.78 12.58
N ILE A 66 2.37 -16.19 11.40
CA ILE A 66 2.44 -15.26 10.26
C ILE A 66 1.19 -15.64 9.45
N PRO A 67 0.12 -14.84 9.56
CA PRO A 67 -1.14 -15.27 8.98
C PRO A 67 -1.43 -14.53 7.71
N VAL A 68 -1.36 -15.26 6.62
CA VAL A 68 -1.56 -14.67 5.27
C VAL A 68 -3.00 -14.85 4.81
N LEU A 69 -3.73 -13.74 4.85
CA LEU A 69 -5.13 -13.76 4.52
C LEU A 69 -5.30 -13.66 3.03
N GLN A 70 -6.00 -14.65 2.45
CA GLN A 70 -6.07 -14.80 0.96
C GLN A 70 -7.52 -14.76 0.56
N ARG A 71 -7.82 -13.91 -0.45
CA ARG A 71 -9.18 -13.72 -0.88
C ARG A 71 -9.18 -13.42 -2.30
N THR A 72 -10.10 -14.08 -3.02
CA THR A 72 -10.26 -13.79 -4.42
C THR A 72 -10.55 -12.25 -4.64
N LEU A 73 -9.74 -11.72 -5.50
CA LEU A 73 -9.85 -10.31 -6.03
C LEU A 73 -9.59 -9.31 -4.89
N HIS A 74 -8.81 -9.82 -3.93
CA HIS A 74 -8.08 -9.00 -2.92
C HIS A 74 -6.56 -9.24 -2.95
N TYR A 75 -5.81 -8.18 -2.61
CA TYR A 75 -4.44 -8.34 -2.37
C TYR A 75 -4.35 -9.09 -1.01
N GLU A 76 -3.29 -9.85 -0.89
CA GLU A 76 -3.00 -10.68 0.33
C GLU A 76 -2.73 -9.77 1.46
N CYS A 77 -3.30 -10.09 2.64
CA CYS A 77 -3.04 -9.29 3.84
C CYS A 77 -2.29 -10.08 4.83
N ILE A 78 -1.60 -9.38 5.72
CA ILE A 78 -0.91 -10.00 6.90
C ILE A 78 -1.76 -9.61 8.06
N VAL A 79 -2.20 -10.57 8.87
CA VAL A 79 -3.14 -10.32 9.94
C VAL A 79 -2.31 -10.12 11.22
N LEU A 80 -2.47 -8.95 11.83
CA LEU A 80 -1.71 -8.51 13.00
C LEU A 80 -2.66 -8.21 14.12
N VAL A 81 -2.14 -8.15 15.33
CA VAL A 81 -2.99 -7.87 16.48
C VAL A 81 -2.34 -6.80 17.32
N LYS A 82 -3.19 -6.03 17.98
CA LYS A 82 -2.81 -4.87 18.77
C LYS A 82 -3.40 -5.10 20.16
N GLN A 83 -2.52 -5.01 21.18
CA GLN A 83 -2.84 -5.34 22.57
C GLN A 83 -2.03 -4.44 23.45
N PHE A 84 -2.54 -4.20 24.64
CA PHE A 84 -1.73 -3.57 25.67
C PHE A 84 -0.77 -4.63 26.26
N ARG A 85 0.46 -4.23 26.42
CA ARG A 85 1.53 -5.09 26.95
C ARG A 85 2.07 -4.44 28.19
N PRO A 86 1.72 -5.03 29.35
CA PRO A 86 2.18 -4.38 30.57
C PRO A 86 3.69 -4.17 30.67
N PRO A 87 4.57 -5.13 30.25
CA PRO A 87 6.03 -4.82 30.22
C PRO A 87 6.49 -3.57 29.46
N MET A 88 5.81 -3.28 28.37
CA MET A 88 6.04 -2.11 27.59
C MET A 88 5.34 -0.87 28.09
N GLY A 89 4.34 -1.04 28.97
CA GLY A 89 3.45 0.05 29.37
C GLY A 89 2.71 0.77 28.24
N GLY A 90 2.32 0.02 27.20
CA GLY A 90 1.64 0.61 26.05
C GLY A 90 1.19 -0.50 25.09
N TYR A 91 0.53 -0.07 24.04
CA TYR A 91 -0.01 -0.89 22.96
C TYR A 91 1.09 -1.26 21.93
N CYS A 92 1.03 -2.51 21.50
CA CYS A 92 2.04 -3.07 20.61
C CYS A 92 1.32 -3.73 19.49
N ILE A 93 1.93 -3.73 18.32
CA ILE A 93 1.39 -4.39 17.13
C ILE A 93 2.33 -5.60 16.84
N GLU A 94 1.74 -6.80 16.81
CA GLU A 94 2.48 -8.05 16.83
C GLU A 94 1.81 -9.08 15.91
N PHE A 95 2.59 -10.11 15.54
CA PHE A 95 2.01 -11.32 14.97
C PHE A 95 1.17 -11.94 16.09
N PRO A 96 0.03 -12.57 15.77
CA PRO A 96 -0.68 -13.33 16.77
C PRO A 96 0.27 -14.40 17.40
N ALA A 97 0.15 -14.65 18.67
CA ALA A 97 1.14 -15.41 19.43
C ALA A 97 0.58 -15.82 20.76
N GLY A 98 1.12 -16.93 21.26
CA GLY A 98 0.86 -17.37 22.63
C GLY A 98 1.81 -18.51 23.00
N LEU A 99 1.77 -18.90 24.27
CA LEU A 99 2.60 -19.95 24.72
C LEU A 99 2.00 -21.30 24.30
N ILE A 100 2.85 -22.31 24.15
CA ILE A 100 2.41 -23.63 23.74
C ILE A 100 1.95 -24.38 24.97
N ASP A 101 0.76 -24.96 24.93
CA ASP A 101 0.23 -25.64 26.17
C ASP A 101 1.00 -26.93 26.31
N ASP A 102 1.05 -27.52 27.52
CA ASP A 102 1.82 -28.77 27.72
C ASP A 102 1.16 -29.85 26.83
N GLY A 103 1.93 -30.56 26.02
CA GLY A 103 1.42 -31.62 25.17
C GLY A 103 0.90 -31.17 23.81
N GLU A 104 0.82 -29.86 23.61
CA GLU A 104 0.30 -29.29 22.41
C GLU A 104 1.47 -29.22 21.39
N THR A 105 1.18 -29.43 20.14
CA THR A 105 2.21 -29.28 19.09
C THR A 105 2.33 -27.72 18.74
N PRO A 106 3.46 -27.29 18.20
CA PRO A 106 3.53 -25.85 17.75
C PRO A 106 2.46 -25.50 16.73
N GLU A 107 2.17 -26.38 15.79
CA GLU A 107 1.15 -26.13 14.80
C GLU A 107 -0.25 -25.95 15.37
N ALA A 108 -0.63 -26.86 16.25
CA ALA A 108 -1.91 -26.77 16.97
C ALA A 108 -1.99 -25.50 17.82
N ALA A 109 -0.92 -25.17 18.53
CA ALA A 109 -0.82 -23.90 19.26
C ALA A 109 -1.07 -22.69 18.38
N ALA A 110 -0.38 -22.65 17.25
CA ALA A 110 -0.50 -21.57 16.20
C ALA A 110 -1.92 -21.43 15.71
N LEU A 111 -2.53 -22.51 15.31
CA LEU A 111 -3.89 -22.44 14.78
C LEU A 111 -4.88 -22.08 15.85
N ARG A 112 -4.63 -22.57 17.05
CA ARG A 112 -5.50 -22.20 18.17
C ARG A 112 -5.38 -20.73 18.59
N GLU A 113 -4.17 -20.23 18.78
CA GLU A 113 -3.96 -18.84 19.10
C GLU A 113 -4.52 -17.92 18.01
N LEU A 114 -4.29 -18.28 16.75
CA LEU A 114 -4.80 -17.49 15.65
C LEU A 114 -6.31 -17.34 15.75
N GLU A 115 -6.98 -18.49 15.96
CA GLU A 115 -8.42 -18.45 16.14
C GLU A 115 -8.88 -17.65 17.36
N GLU A 116 -8.26 -17.85 18.51
CA GLU A 116 -8.60 -17.11 19.75
C GLU A 116 -8.43 -15.61 19.60
N GLU A 117 -7.34 -15.21 18.93
CA GLU A 117 -6.93 -13.81 18.93
C GLU A 117 -7.62 -13.05 17.78
N THR A 118 -7.89 -13.72 16.68
CA THR A 118 -8.41 -13.04 15.49
C THR A 118 -9.75 -13.54 15.02
N GLY A 119 -10.18 -14.73 15.45
CA GLY A 119 -11.33 -15.36 14.85
C GLY A 119 -11.10 -16.23 13.64
N TYR A 120 -9.98 -16.10 12.97
CA TYR A 120 -9.78 -16.78 11.75
C TYR A 120 -9.30 -18.20 11.95
N LYS A 121 -9.81 -19.07 11.08
CA LYS A 121 -9.38 -20.45 10.95
C LYS A 121 -8.44 -20.64 9.85
N GLY A 122 -7.20 -20.85 10.22
CA GLY A 122 -6.17 -20.95 9.26
C GLY A 122 -5.83 -22.33 8.80
N ASP A 123 -4.95 -22.43 7.83
CA ASP A 123 -4.36 -23.72 7.35
C ASP A 123 -2.83 -23.70 7.45
N ILE A 124 -2.19 -24.71 8.03
CA ILE A 124 -0.75 -24.64 8.19
C ILE A 124 -0.04 -24.58 6.83
N ALA A 125 0.94 -23.70 6.70
CA ALA A 125 1.89 -23.70 5.56
C ALA A 125 3.28 -24.18 5.91
N GLU A 126 3.90 -23.67 6.95
CA GLU A 126 5.23 -24.03 7.38
C GLU A 126 5.43 -23.72 8.82
N CYS A 127 6.39 -24.37 9.39
CA CYS A 127 6.70 -24.20 10.81
C CYS A 127 8.21 -24.17 10.99
N SER A 128 8.75 -23.10 11.58
CA SER A 128 10.17 -22.97 11.80
C SER A 128 10.65 -23.91 12.87
N PRO A 129 11.98 -24.17 12.89
CA PRO A 129 12.61 -24.61 14.16
C PRO A 129 12.46 -23.54 15.25
N ALA A 130 12.72 -23.92 16.49
CA ALA A 130 12.73 -23.00 17.59
C ALA A 130 13.73 -21.92 17.33
N VAL A 131 13.27 -20.67 17.46
CA VAL A 131 14.10 -19.44 17.20
C VAL A 131 14.10 -18.58 18.45
N CYS A 132 15.21 -17.89 18.74
CA CYS A 132 15.37 -17.19 20.01
C CYS A 132 14.86 -15.78 19.95
N MET A 133 14.15 -15.41 20.99
CA MET A 133 13.52 -14.15 21.13
C MET A 133 14.48 -12.97 21.42
N ASP A 134 15.45 -13.14 22.31
CA ASP A 134 16.31 -12.04 22.72
C ASP A 134 17.46 -12.73 23.46
N PRO A 135 18.37 -13.42 22.72
CA PRO A 135 19.30 -14.39 23.26
C PRO A 135 20.36 -13.79 24.14
N GLY A 136 20.60 -12.50 24.06
CA GLY A 136 21.55 -11.86 25.04
C GLY A 136 20.93 -11.59 26.40
N LEU A 137 19.63 -11.82 26.50
CA LEU A 137 18.88 -11.61 27.72
C LEU A 137 18.17 -12.85 28.31
N SER A 138 17.44 -13.56 27.50
CA SER A 138 16.59 -14.69 27.91
C SER A 138 16.81 -15.95 27.09
N ASN A 139 16.34 -17.07 27.62
CA ASN A 139 16.36 -18.35 26.88
C ASN A 139 15.08 -18.49 26.07
N CYS A 140 14.24 -17.51 26.01
CA CYS A 140 12.92 -17.69 25.39
C CYS A 140 13.03 -17.96 23.92
N THR A 141 12.19 -18.92 23.50
CA THR A 141 12.13 -19.37 22.09
C THR A 141 10.67 -19.48 21.66
N ILE A 142 10.51 -19.33 20.34
CA ILE A 142 9.23 -19.63 19.67
C ILE A 142 9.42 -20.43 18.44
N HIS A 143 8.34 -21.05 17.97
CA HIS A 143 8.26 -21.45 16.58
C HIS A 143 7.45 -20.34 15.85
N ILE A 144 7.97 -19.93 14.70
CA ILE A 144 7.27 -19.10 13.80
C ILE A 144 6.55 -19.98 12.78
N VAL A 145 5.24 -19.90 12.84
CA VAL A 145 4.35 -20.74 12.04
C VAL A 145 3.62 -19.91 11.03
N THR A 146 3.85 -20.19 9.76
CA THR A 146 3.16 -19.48 8.63
C THR A 146 1.88 -20.24 8.40
N VAL A 147 0.76 -19.50 8.33
CA VAL A 147 -0.50 -20.06 8.08
C VAL A 147 -1.19 -19.24 7.03
N THR A 148 -1.86 -19.90 6.10
CA THR A 148 -2.75 -19.21 5.14
C THR A 148 -4.17 -19.23 5.67
N ILE A 149 -4.95 -18.19 5.39
CA ILE A 149 -6.30 -18.13 5.81
C ILE A 149 -7.10 -17.99 4.51
N ASN A 150 -8.08 -18.89 4.30
CA ASN A 150 -8.89 -18.83 3.08
C ASN A 150 -10.02 -17.90 3.46
N GLY A 151 -9.84 -16.60 3.10
CA GLY A 151 -10.84 -15.62 3.45
C GLY A 151 -12.12 -15.73 2.62
N ASP A 152 -12.11 -16.59 1.61
CA ASP A 152 -13.36 -16.86 0.86
C ASP A 152 -14.21 -17.99 1.45
N ASP A 153 -13.67 -18.74 2.41
CA ASP A 153 -14.47 -19.72 3.15
C ASP A 153 -15.45 -19.02 4.06
N ALA A 154 -16.66 -19.56 4.16
CA ALA A 154 -17.70 -19.03 5.07
C ALA A 154 -17.27 -18.95 6.57
N GLU A 155 -16.43 -19.90 7.00
CA GLU A 155 -15.92 -19.92 8.36
C GLU A 155 -15.18 -18.62 8.69
N ASN A 156 -14.62 -17.97 7.67
CA ASN A 156 -13.79 -16.80 7.88
C ASN A 156 -14.40 -15.53 7.40
N ALA A 157 -15.73 -15.50 7.38
CA ALA A 157 -16.45 -14.34 6.84
C ALA A 157 -16.69 -13.36 7.97
N ARG A 158 -17.21 -13.89 9.08
CA ARG A 158 -17.53 -13.11 10.26
C ARG A 158 -16.55 -13.54 11.39
N PRO A 159 -15.25 -13.25 11.25
CA PRO A 159 -14.30 -13.69 12.28
C PRO A 159 -14.53 -12.99 13.63
N LYS A 160 -14.88 -13.77 14.66
CA LYS A 160 -15.09 -13.33 16.04
C LYS A 160 -13.90 -13.76 16.94
N PRO A 161 -13.01 -12.84 17.35
CA PRO A 161 -11.99 -13.21 18.38
C PRO A 161 -12.61 -13.88 19.62
N LYS A 162 -12.03 -14.99 20.09
CA LYS A 162 -12.42 -15.63 21.37
C LYS A 162 -11.34 -15.38 22.41
N PRO A 163 -11.26 -14.16 22.96
CA PRO A 163 -10.22 -13.87 23.95
C PRO A 163 -10.39 -14.68 25.26
N GLY A 164 -9.29 -15.16 25.82
CA GLY A 164 -9.31 -15.88 27.11
C GLY A 164 -9.42 -14.86 28.21
N ASP A 165 -9.35 -15.31 29.47
CA ASP A 165 -9.43 -14.36 30.59
C ASP A 165 -8.28 -13.32 30.55
N GLY A 166 -8.62 -12.04 30.55
CA GLY A 166 -7.59 -10.97 30.53
C GLY A 166 -6.90 -10.72 29.18
N GLU A 167 -7.44 -11.29 28.10
CA GLU A 167 -6.98 -11.03 26.73
C GLU A 167 -7.93 -9.99 26.18
N PHE A 168 -7.40 -8.93 25.57
CA PHE A 168 -8.20 -7.88 24.90
C PHE A 168 -7.46 -7.45 23.61
N VAL A 169 -7.84 -8.07 22.51
CA VAL A 169 -7.05 -8.01 21.32
C VAL A 169 -7.87 -7.35 20.22
N GLU A 170 -7.26 -6.41 19.52
CA GLU A 170 -7.79 -5.84 18.26
C GLU A 170 -7.07 -6.43 17.06
N VAL A 171 -7.82 -6.77 16.01
CA VAL A 171 -7.25 -7.26 14.78
C VAL A 171 -6.96 -6.16 13.73
N ILE A 172 -5.79 -6.20 13.12
CA ILE A 172 -5.41 -5.24 12.10
C ILE A 172 -4.81 -5.99 10.96
N SER A 173 -5.51 -5.98 9.83
CA SER A 173 -5.04 -6.63 8.61
C SER A 173 -4.49 -5.68 7.62
N LEU A 174 -3.27 -5.86 7.17
CA LEU A 174 -2.61 -4.89 6.30
C LEU A 174 -2.10 -5.55 5.04
N PRO A 175 -2.18 -4.84 3.88
CA PRO A 175 -1.76 -5.54 2.69
C PRO A 175 -0.31 -5.81 2.67
N LYS A 176 0.04 -7.04 2.34
CA LYS A 176 1.40 -7.46 2.25
C LYS A 176 2.26 -6.60 1.37
N ASN A 177 1.66 -6.13 0.27
CA ASN A 177 2.40 -5.39 -0.71
C ASN A 177 2.70 -3.96 -0.25
N ASP A 178 2.20 -3.55 0.90
CA ASP A 178 2.50 -2.15 1.40
C ASP A 178 2.70 -2.19 2.90
N LEU A 179 3.22 -3.33 3.42
CA LEU A 179 3.14 -3.57 4.85
C LEU A 179 3.96 -2.52 5.67
N LEU A 180 5.18 -2.26 5.24
CA LEU A 180 6.03 -1.36 5.98
C LEU A 180 5.41 0.05 6.03
N GLN A 181 4.92 0.58 4.91
CA GLN A 181 4.38 1.96 4.96
C GLN A 181 3.12 2.03 5.76
N ARG A 182 2.36 0.94 5.76
CA ARG A 182 1.17 0.93 6.52
C ARG A 182 1.43 0.88 8.01
N LEU A 183 2.47 0.15 8.39
CA LEU A 183 2.94 0.13 9.77
C LEU A 183 3.44 1.51 10.20
N ASP A 184 4.26 2.10 9.36
CA ASP A 184 4.72 3.49 9.61
C ASP A 184 3.51 4.42 9.78
N ALA A 185 2.50 4.37 8.92
CA ALA A 185 1.34 5.23 9.08
C ALA A 185 0.61 5.02 10.40
N LEU A 186 0.52 3.77 10.89
CA LEU A 186 -0.08 3.52 12.20
C LEU A 186 0.78 4.09 13.31
N VAL A 187 2.11 3.96 13.22
CA VAL A 187 3.04 4.48 14.23
C VAL A 187 3.00 6.02 14.20
N ALA A 188 2.94 6.59 13.00
CA ALA A 188 2.73 8.06 12.88
C ALA A 188 1.42 8.59 13.55
N GLU A 189 0.35 7.80 13.60
CA GLU A 189 -0.96 8.23 14.15
C GLU A 189 -1.28 8.13 15.66
N GLU A 190 -0.61 7.24 16.38
CA GLU A 190 -0.75 7.15 17.83
C GLU A 190 0.50 6.54 18.45
N HIS A 191 0.57 6.57 19.79
CA HIS A 191 1.69 5.98 20.49
C HIS A 191 1.48 4.48 20.51
N LEU A 192 2.32 3.76 19.76
CA LEU A 192 2.30 2.30 19.81
C LEU A 192 3.66 1.85 19.30
N THR A 193 4.02 0.62 19.56
CA THR A 193 5.31 0.10 19.21
C THR A 193 5.01 -1.09 18.30
N VAL A 194 5.76 -1.17 17.24
CA VAL A 194 5.63 -2.29 16.40
C VAL A 194 6.65 -3.29 16.92
N ASP A 195 6.25 -4.55 16.89
CA ASP A 195 7.11 -5.63 17.21
C ASP A 195 8.26 -5.81 16.27
N ALA A 196 9.42 -6.14 16.83
CA ALA A 196 10.63 -6.32 16.01
C ALA A 196 10.54 -7.38 14.92
N ARG A 197 9.79 -8.46 15.20
CA ARG A 197 9.65 -9.51 14.15
C ARG A 197 8.76 -9.05 13.03
N VAL A 198 7.71 -8.34 13.36
CA VAL A 198 6.84 -7.80 12.33
C VAL A 198 7.61 -6.81 11.48
N TYR A 199 8.40 -5.95 12.12
CA TYR A 199 9.14 -4.93 11.32
C TYR A 199 10.18 -5.55 10.44
N SER A 200 10.80 -6.58 10.94
CA SER A 200 11.82 -7.35 10.21
C SER A 200 11.19 -7.94 8.95
N TYR A 201 10.05 -8.53 9.13
CA TYR A 201 9.32 -9.22 8.02
C TYR A 201 8.89 -8.13 7.03
N ALA A 202 8.34 -7.02 7.54
CA ALA A 202 7.97 -5.88 6.63
C ALA A 202 9.13 -5.29 5.86
N LEU A 203 10.23 -5.07 6.56
CA LEU A 203 11.48 -4.68 5.87
C LEU A 203 11.94 -5.62 4.74
N ALA A 204 11.97 -6.94 4.99
CA ALA A 204 12.38 -7.89 3.96
C ALA A 204 11.43 -7.82 2.74
N LEU A 205 10.12 -7.65 2.98
CA LEU A 205 9.12 -7.54 1.89
C LEU A 205 9.49 -6.32 1.05
N LYS A 206 9.87 -5.20 1.66
CA LYS A 206 10.44 -4.05 0.90
C LYS A 206 11.73 -4.43 0.18
N HIS A 207 12.70 -5.05 0.86
CA HIS A 207 13.99 -5.31 0.27
C HIS A 207 13.93 -6.34 -0.85
N ALA A 208 12.92 -7.20 -0.87
CA ALA A 208 12.81 -8.16 -1.91
C ALA A 208 12.39 -7.37 -3.20
N LYS B 15 -7.58 3.23 27.12
CA LYS B 15 -8.32 2.25 27.97
C LYS B 15 -7.36 1.63 29.01
N GLN B 16 -6.30 0.91 28.59
CA GLN B 16 -5.43 0.26 29.59
C GLN B 16 -4.21 1.11 29.94
N TYR B 17 -3.73 0.93 31.16
CA TYR B 17 -2.58 1.73 31.60
C TYR B 17 -1.95 1.10 32.85
N ILE B 18 -0.73 1.55 33.13
CA ILE B 18 0.04 1.11 34.26
C ILE B 18 -0.40 1.98 35.44
N ILE B 19 -0.56 1.35 36.57
CA ILE B 19 -0.94 1.95 37.83
C ILE B 19 0.36 2.11 38.62
N SER B 20 1.04 0.99 38.87
CA SER B 20 2.30 0.99 39.62
C SER B 20 3.22 -0.16 39.25
N GLU B 21 4.48 -0.01 39.68
CA GLU B 21 5.50 -1.00 39.42
C GLU B 21 6.18 -1.30 40.76
N GLU B 22 6.30 -2.57 41.09
CA GLU B 22 6.94 -3.03 42.29
C GLU B 22 8.21 -3.77 41.97
N LEU B 23 9.34 -3.26 42.42
CA LEU B 23 10.59 -4.01 42.23
C LEU B 23 10.57 -5.40 42.89
N ILE B 24 10.87 -6.44 42.14
CA ILE B 24 10.99 -7.76 42.73
C ILE B 24 12.46 -8.02 42.95
N SER B 25 13.29 -7.79 41.93
CA SER B 25 14.70 -8.05 42.08
C SER B 25 15.53 -7.36 41.01
N GLU B 26 16.71 -6.88 41.39
CA GLU B 26 17.51 -6.04 40.53
C GLU B 26 18.94 -6.50 40.50
N GLY B 27 19.40 -6.96 39.34
CA GLY B 27 20.80 -7.30 39.20
C GLY B 27 21.51 -6.04 38.70
N LYS B 28 22.73 -6.26 38.24
CA LYS B 28 23.51 -5.26 37.58
C LYS B 28 23.01 -4.89 36.18
N TRP B 29 22.50 -5.88 35.45
CA TRP B 29 22.08 -5.71 34.05
C TRP B 29 20.58 -5.85 33.79
N VAL B 30 19.86 -6.56 34.65
CA VAL B 30 18.44 -6.88 34.42
C VAL B 30 17.72 -6.77 35.75
N LYS B 31 16.49 -6.29 35.72
CA LYS B 31 15.57 -6.37 36.85
C LYS B 31 14.20 -6.97 36.50
N LEU B 32 13.54 -7.52 37.51
CA LEU B 32 12.23 -8.07 37.46
C LEU B 32 11.29 -7.25 38.31
N GLU B 33 10.17 -6.87 37.72
CA GLU B 33 9.15 -6.01 38.39
C GLU B 33 7.79 -6.65 38.41
N LYS B 34 6.95 -6.28 39.37
CA LYS B 34 5.57 -6.72 39.35
C LYS B 34 4.80 -5.48 38.95
N THR B 35 4.27 -5.49 37.73
CA THR B 35 3.48 -4.38 37.17
C THR B 35 2.00 -4.55 37.49
N THR B 36 1.42 -3.52 38.10
CA THR B 36 -0.01 -3.49 38.24
C THR B 36 -0.61 -2.58 37.14
N TYR B 37 -1.62 -3.07 36.47
CA TYR B 37 -2.27 -2.33 35.36
C TYR B 37 -3.79 -2.47 35.41
N MET B 38 -4.46 -1.55 34.70
CA MET B 38 -5.90 -1.55 34.62
C MET B 38 -6.30 -2.28 33.36
N ASP B 39 -7.13 -3.31 33.47
CA ASP B 39 -7.60 -4.02 32.30
C ASP B 39 -8.77 -3.18 31.66
N PRO B 40 -9.26 -3.57 30.48
CA PRO B 40 -10.27 -2.69 29.86
C PRO B 40 -11.61 -2.68 30.56
N THR B 41 -11.93 -3.72 31.31
CA THR B 41 -13.16 -3.73 32.12
C THR B 41 -13.13 -2.83 33.34
N GLY B 42 -11.95 -2.36 33.77
CA GLY B 42 -11.83 -1.65 35.05
C GLY B 42 -11.35 -2.53 36.21
N LYS B 43 -10.87 -3.74 35.91
CA LYS B 43 -10.32 -4.67 36.90
C LYS B 43 -8.80 -4.52 36.88
N THR B 44 -8.22 -4.39 38.07
CA THR B 44 -6.78 -4.23 38.24
C THR B 44 -6.10 -5.65 38.19
N ARG B 45 -4.96 -5.71 37.50
CA ARG B 45 -4.28 -6.98 37.21
C ARG B 45 -2.79 -6.78 37.29
N THR B 46 -2.06 -7.89 37.42
CA THR B 46 -0.63 -7.87 37.60
C THR B 46 0.08 -8.63 36.46
N TRP B 47 1.33 -8.24 36.25
CA TRP B 47 2.18 -8.84 35.23
C TRP B 47 3.61 -8.85 35.77
N GLU B 48 4.34 -9.92 35.48
CA GLU B 48 5.79 -9.99 35.85
C GLU B 48 6.56 -9.53 34.61
N SER B 49 7.26 -8.40 34.76
CA SER B 49 7.85 -7.68 33.68
C SER B 49 9.34 -7.59 33.89
N VAL B 50 10.10 -7.87 32.83
CA VAL B 50 11.55 -7.76 32.84
C VAL B 50 11.98 -6.44 32.22
N LYS B 51 12.96 -5.77 32.78
CA LYS B 51 13.57 -4.60 32.18
C LYS B 51 15.10 -4.60 32.34
N ARG B 52 15.78 -4.01 31.37
CA ARG B 52 17.24 -3.80 31.55
C ARG B 52 17.44 -2.64 32.53
N THR B 53 18.57 -2.65 33.22
CA THR B 53 18.98 -1.53 34.07
C THR B 53 19.78 -0.48 33.35
N THR B 54 20.08 -0.69 32.08
CA THR B 54 21.05 0.10 31.33
C THR B 54 20.45 1.22 30.45
N ARG B 55 19.13 1.33 30.30
CA ARG B 55 18.62 2.34 29.37
C ARG B 55 18.75 3.78 29.93
N LYS B 56 18.90 4.79 29.06
CA LYS B 56 18.74 6.25 29.41
C LYS B 56 17.34 6.70 29.03
N GLN B 58 18.25 7.09 25.95
CA GLN B 58 18.31 6.43 24.66
C GLN B 58 16.92 6.29 24.10
N THR B 59 16.87 6.21 22.78
CA THR B 59 15.66 5.93 21.97
C THR B 59 15.12 4.48 22.12
N ALA B 60 15.95 3.61 22.70
CA ALA B 60 15.84 2.15 22.67
C ALA B 60 17.06 1.59 23.40
N ASP B 61 16.99 0.32 23.82
CA ASP B 61 18.10 -0.30 24.49
C ASP B 61 19.27 -0.49 23.56
N GLY B 62 18.95 -0.93 22.34
CA GLY B 62 19.92 -1.56 21.39
C GLY B 62 19.60 -1.16 19.93
N VAL B 63 20.55 -1.59 19.10
CA VAL B 63 20.38 -1.65 17.67
C VAL B 63 20.65 -3.04 17.20
N ALA B 64 20.01 -3.40 16.09
CA ALA B 64 20.38 -4.60 15.34
C ALA B 64 20.56 -4.14 13.90
N VAL B 65 21.55 -4.68 13.26
CA VAL B 65 21.95 -4.17 11.98
C VAL B 65 21.62 -5.25 10.96
N ILE B 66 20.90 -4.87 9.91
CA ILE B 66 20.74 -5.69 8.74
C ILE B 66 21.83 -5.28 7.72
N PRO B 67 22.92 -6.06 7.63
CA PRO B 67 24.05 -5.64 6.78
C PRO B 67 24.03 -6.39 5.45
N VAL B 68 23.85 -5.62 4.38
CA VAL B 68 23.69 -6.12 3.05
C VAL B 68 25.08 -5.93 2.39
N LEU B 69 25.82 -7.03 2.23
CA LEU B 69 27.15 -7.01 1.65
C LEU B 69 27.00 -7.10 0.12
N GLN B 70 27.43 -6.05 -0.52
CA GLN B 70 27.29 -5.90 -1.99
C GLN B 70 28.65 -5.96 -2.69
N ARG B 71 28.91 -7.02 -3.46
CA ARG B 71 30.11 -7.12 -4.26
C ARG B 71 29.65 -7.33 -5.67
N THR B 72 30.24 -6.59 -6.60
CA THR B 72 29.90 -6.85 -7.98
C THR B 72 30.31 -8.30 -8.41
N LEU B 73 29.48 -8.86 -9.31
CA LEU B 73 29.54 -10.17 -9.83
C LEU B 73 29.42 -11.27 -8.79
N HIS B 74 28.82 -10.94 -7.66
CA HIS B 74 28.55 -11.90 -6.56
C HIS B 74 27.13 -11.76 -6.16
N TYR B 75 26.59 -12.80 -5.52
CA TYR B 75 25.31 -12.63 -4.87
C TYR B 75 25.48 -11.63 -3.74
N GLU B 76 24.43 -10.87 -3.52
CA GLU B 76 24.27 -10.01 -2.37
C GLU B 76 24.10 -10.96 -1.17
N CYS B 77 24.83 -10.65 -0.12
CA CYS B 77 24.82 -11.41 1.11
C CYS B 77 24.28 -10.55 2.29
N ILE B 78 23.74 -11.26 3.27
CA ILE B 78 23.41 -10.68 4.53
C ILE B 78 24.42 -11.23 5.49
N VAL B 79 25.12 -10.33 6.18
CA VAL B 79 26.16 -10.67 7.11
C VAL B 79 25.56 -10.89 8.52
N LEU B 80 25.81 -12.05 9.05
CA LEU B 80 25.27 -12.41 10.38
C LEU B 80 26.42 -12.84 11.28
N VAL B 81 26.12 -12.93 12.55
CA VAL B 81 27.14 -13.30 13.47
C VAL B 81 26.71 -14.51 14.28
N LYS B 82 27.67 -15.31 14.67
CA LYS B 82 27.41 -16.48 15.51
C LYS B 82 28.21 -16.26 16.82
N GLN B 83 27.56 -16.47 17.96
CA GLN B 83 28.18 -16.19 19.29
C GLN B 83 27.53 -17.14 20.27
N PHE B 84 28.29 -17.43 21.34
CA PHE B 84 27.74 -18.19 22.46
C PHE B 84 26.85 -17.24 23.24
N ARG B 85 25.65 -17.70 23.57
CA ARG B 85 24.72 -16.87 24.34
C ARG B 85 24.38 -17.54 25.63
N PRO B 86 24.97 -17.04 26.72
CA PRO B 86 24.77 -17.77 28.01
C PRO B 86 23.29 -17.96 28.43
N PRO B 87 22.42 -16.96 28.17
CA PRO B 87 20.99 -17.27 28.49
C PRO B 87 20.42 -18.43 27.70
N MET B 88 20.93 -18.67 26.48
CA MET B 88 20.47 -19.78 25.67
C MET B 88 21.17 -21.09 25.96
N GLY B 89 22.35 -21.04 26.60
CA GLY B 89 23.19 -22.24 26.77
C GLY B 89 23.85 -22.73 25.54
N GLY B 90 23.89 -21.90 24.50
CA GLY B 90 24.41 -22.37 23.25
C GLY B 90 24.64 -21.24 22.31
N TYR B 91 25.00 -21.65 21.09
CA TYR B 91 25.34 -20.69 20.04
C TYR B 91 24.10 -20.28 19.23
N CYS B 92 24.05 -19.01 18.89
CA CYS B 92 22.98 -18.39 18.14
C CYS B 92 23.50 -17.67 16.94
N ILE B 93 22.67 -17.59 15.90
CA ILE B 93 22.99 -16.86 14.67
C ILE B 93 22.05 -15.65 14.67
N GLU B 94 22.60 -14.44 14.56
CA GLU B 94 21.91 -13.16 14.82
C GLU B 94 22.39 -12.08 13.86
N PHE B 95 21.60 -11.05 13.69
CA PHE B 95 22.08 -9.77 13.10
C PHE B 95 23.14 -9.21 14.04
N PRO B 96 24.15 -8.53 13.50
CA PRO B 96 25.09 -7.85 14.43
C PRO B 96 24.31 -6.83 15.24
N ALA B 97 24.72 -6.64 16.49
CA ALA B 97 23.90 -5.94 17.44
C ALA B 97 24.63 -5.68 18.72
N GLY B 98 24.23 -4.57 19.30
CA GLY B 98 24.62 -4.22 20.67
C GLY B 98 23.78 -3.10 21.24
N LEU B 99 23.98 -2.83 22.53
CA LEU B 99 23.29 -1.70 23.21
C LEU B 99 23.86 -0.33 22.75
N ILE B 100 23.00 0.69 22.75
CA ILE B 100 23.37 2.03 22.30
C ILE B 100 24.07 2.69 23.51
N ASP B 101 25.28 3.22 23.33
CA ASP B 101 25.97 4.00 24.40
C ASP B 101 25.20 5.28 24.76
N ASP B 102 25.26 5.68 26.04
CA ASP B 102 24.64 6.97 26.45
C ASP B 102 25.13 8.11 25.54
N GLY B 103 24.23 8.90 24.96
CA GLY B 103 24.59 9.95 24.01
C GLY B 103 25.10 9.55 22.62
N GLU B 104 24.91 8.28 22.25
CA GLU B 104 25.18 7.79 20.89
C GLU B 104 23.83 7.77 20.13
N THR B 105 23.85 8.11 18.85
CA THR B 105 22.67 7.93 17.98
C THR B 105 22.51 6.43 17.56
N PRO B 106 21.27 6.00 17.24
CA PRO B 106 21.12 4.58 16.78
C PRO B 106 21.93 4.27 15.52
N GLU B 107 21.96 5.23 14.62
CA GLU B 107 22.81 5.11 13.41
C GLU B 107 24.28 4.91 13.72
N ALA B 108 24.79 5.69 14.65
CA ALA B 108 26.19 5.61 15.01
C ALA B 108 26.48 4.34 15.73
N ALA B 109 25.52 3.89 16.57
CA ALA B 109 25.63 2.63 17.25
C ALA B 109 25.69 1.48 16.28
N ALA B 110 24.91 1.59 15.22
CA ALA B 110 24.82 0.54 14.20
C ALA B 110 26.08 0.43 13.45
N LEU B 111 26.62 1.56 12.97
CA LEU B 111 27.92 1.46 12.30
C LEU B 111 29.02 1.01 13.20
N ARG B 112 29.03 1.46 14.45
CA ARG B 112 30.02 1.03 15.38
C ARG B 112 29.94 -0.45 15.66
N GLU B 113 28.74 -0.95 16.04
CA GLU B 113 28.63 -2.39 16.31
C GLU B 113 28.97 -3.27 15.14
N LEU B 114 28.51 -2.88 13.97
CA LEU B 114 28.82 -3.58 12.74
C LEU B 114 30.31 -3.68 12.54
N GLU B 115 31.01 -2.58 12.71
CA GLU B 115 32.46 -2.66 12.62
C GLU B 115 33.14 -3.52 13.66
N GLU B 116 32.73 -3.40 14.92
CA GLU B 116 33.31 -4.22 15.99
C GLU B 116 33.11 -5.72 15.81
N GLU B 117 31.88 -6.06 15.43
CA GLU B 117 31.49 -7.45 15.34
C GLU B 117 31.89 -8.12 14.04
N THR B 118 31.94 -7.36 12.95
CA THR B 118 32.27 -7.96 11.66
C THR B 118 33.57 -7.44 11.01
N GLY B 119 34.09 -6.33 11.51
CA GLY B 119 35.07 -5.54 10.80
C GLY B 119 34.59 -4.82 9.57
N TYR B 120 33.30 -4.91 9.15
CA TYR B 120 32.87 -4.17 7.95
C TYR B 120 32.50 -2.76 8.25
N LYS B 121 32.82 -1.89 7.30
CA LYS B 121 32.40 -0.49 7.28
C LYS B 121 31.30 -0.23 6.35
N GLY B 122 30.19 0.29 6.87
CA GLY B 122 28.98 0.25 6.12
C GLY B 122 28.44 1.64 6.01
N ASP B 123 27.39 1.78 5.23
CA ASP B 123 26.64 3.00 5.06
C ASP B 123 25.22 2.79 5.49
N ILE B 124 24.64 3.78 6.19
CA ILE B 124 23.21 3.71 6.58
C ILE B 124 22.26 3.85 5.39
N ALA B 125 21.28 2.93 5.27
CA ALA B 125 20.24 3.02 4.27
C ALA B 125 18.96 3.49 4.89
N GLU B 126 18.55 2.92 6.02
CA GLU B 126 17.36 3.34 6.69
C GLU B 126 17.38 2.90 8.15
N CYS B 127 16.48 3.48 8.96
CA CYS B 127 16.48 3.26 10.44
C CYS B 127 15.07 3.16 10.92
N SER B 128 14.75 2.06 11.60
CA SER B 128 13.41 1.92 12.09
C SER B 128 13.18 2.79 13.31
N PRO B 129 11.91 3.07 13.63
CA PRO B 129 11.59 3.46 15.00
C PRO B 129 11.90 2.36 16.02
N ALA B 130 11.77 2.73 17.29
CA ALA B 130 12.03 1.70 18.32
C ALA B 130 10.96 0.64 18.17
N VAL B 131 11.43 -0.60 18.16
CA VAL B 131 10.58 -1.80 17.98
C VAL B 131 10.82 -2.75 19.14
N CYS B 132 9.77 -3.42 19.61
CA CYS B 132 9.94 -4.26 20.81
C CYS B 132 10.42 -5.68 20.58
N MET B 133 11.23 -6.15 21.50
CA MET B 133 11.85 -7.43 21.36
C MET B 133 10.96 -8.62 21.78
N ASP B 134 10.28 -8.48 22.94
CA ASP B 134 9.48 -9.56 23.45
C ASP B 134 8.45 -8.92 24.42
N PRO B 135 7.41 -8.29 23.89
CA PRO B 135 6.69 -7.27 24.70
C PRO B 135 5.82 -7.97 25.76
N GLY B 136 5.52 -9.29 25.64
CA GLY B 136 4.85 -10.02 26.72
C GLY B 136 5.72 -10.30 27.93
N LEU B 137 7.02 -10.13 27.75
CA LEU B 137 7.94 -10.40 28.82
C LEU B 137 8.69 -9.16 29.28
N SER B 138 9.20 -8.35 28.37
CA SER B 138 10.15 -7.27 28.70
C SER B 138 9.79 -5.97 28.06
N ASN B 139 10.44 -4.89 28.49
CA ASN B 139 10.28 -3.63 27.78
C ASN B 139 11.35 -3.40 26.76
N CYS B 140 12.16 -4.42 26.45
CA CYS B 140 13.31 -4.22 25.63
C CYS B 140 12.95 -3.79 24.20
N THR B 141 13.71 -2.81 23.72
CA THR B 141 13.56 -2.32 22.36
C THR B 141 14.89 -2.09 21.65
N ILE B 142 14.84 -2.12 20.31
CA ILE B 142 15.94 -1.83 19.45
C ILE B 142 15.48 -0.97 18.31
N HIS B 143 16.45 -0.31 17.68
CA HIS B 143 16.27 0.19 16.32
C HIS B 143 16.89 -0.83 15.37
N ILE B 144 16.14 -1.21 14.34
CA ILE B 144 16.66 -2.03 13.24
C ILE B 144 17.22 -1.09 12.22
N VAL B 145 18.49 -1.29 11.89
CA VAL B 145 19.20 -0.35 10.99
C VAL B 145 19.72 -1.12 9.82
N THR B 146 19.19 -0.75 8.64
CA THR B 146 19.59 -1.35 7.40
C THR B 146 20.86 -0.63 6.94
N VAL B 147 21.88 -1.40 6.60
CA VAL B 147 23.17 -0.84 6.25
C VAL B 147 23.68 -1.58 5.05
N THR B 148 24.18 -0.87 4.04
CA THR B 148 24.82 -1.59 2.93
C THR B 148 26.33 -1.51 3.08
N ILE B 149 27.03 -2.51 2.58
CA ILE B 149 28.44 -2.60 2.71
C ILE B 149 29.01 -2.74 1.31
N ASN B 150 29.81 -1.77 0.91
CA ASN B 150 30.42 -1.84 -0.40
C ASN B 150 31.60 -2.77 -0.30
N GLY B 151 31.37 -4.03 -0.65
CA GLY B 151 32.33 -5.07 -0.45
C GLY B 151 33.55 -4.93 -1.40
N ASP B 152 33.48 -4.05 -2.37
CA ASP B 152 34.53 -3.89 -3.35
C ASP B 152 35.50 -2.77 -2.95
N ASP B 153 35.15 -1.96 -1.94
CA ASP B 153 36.04 -0.88 -1.42
C ASP B 153 37.17 -1.48 -0.64
N ALA B 154 38.35 -0.83 -0.72
CA ALA B 154 39.54 -1.27 -0.06
C ALA B 154 39.36 -1.50 1.46
N GLU B 155 38.59 -0.63 2.10
CA GLU B 155 38.47 -0.68 3.55
C GLU B 155 37.74 -1.98 4.01
N ASN B 156 36.94 -2.61 3.11
CA ASN B 156 36.24 -3.89 3.36
C ASN B 156 36.89 -5.09 2.73
N ALA B 157 38.10 -4.88 2.18
CA ALA B 157 38.82 -6.01 1.60
C ALA B 157 39.20 -7.07 2.65
N ARG B 158 39.70 -6.64 3.80
CA ARG B 158 40.21 -7.55 4.86
C ARG B 158 39.56 -7.05 6.13
N PRO B 159 38.27 -7.39 6.31
CA PRO B 159 37.53 -6.77 7.40
C PRO B 159 38.12 -7.13 8.79
N LYS B 160 38.50 -6.10 9.58
CA LYS B 160 39.07 -6.24 10.95
C LYS B 160 38.04 -6.23 12.16
N PRO B 161 37.56 -7.42 12.62
CA PRO B 161 36.60 -7.44 13.75
C PRO B 161 37.28 -7.05 15.07
N LYS B 162 36.78 -6.00 15.75
CA LYS B 162 37.36 -5.54 17.02
C LYS B 162 36.47 -5.94 18.23
N PRO B 163 36.58 -7.21 18.67
CA PRO B 163 35.79 -7.62 19.82
C PRO B 163 36.06 -6.75 21.06
N GLY B 164 35.00 -6.25 21.70
CA GLY B 164 35.14 -5.69 23.05
C GLY B 164 35.54 -6.75 24.08
N ASP B 165 35.68 -6.33 25.32
CA ASP B 165 36.00 -7.28 26.38
C ASP B 165 34.88 -8.34 26.52
N GLY B 166 35.27 -9.60 26.38
CA GLY B 166 34.36 -10.74 26.49
C GLY B 166 33.49 -11.09 25.27
N GLU B 167 33.71 -10.43 24.14
CA GLU B 167 33.00 -10.79 22.93
C GLU B 167 33.83 -11.75 22.09
N PHE B 168 33.15 -12.75 21.53
CA PHE B 168 33.77 -13.81 20.75
C PHE B 168 32.79 -14.15 19.62
N VAL B 169 33.03 -13.53 18.48
CA VAL B 169 32.06 -13.44 17.39
C VAL B 169 32.60 -14.01 16.08
N GLU B 170 31.88 -14.96 15.48
CA GLU B 170 32.19 -15.53 14.16
C GLU B 170 31.25 -14.90 13.15
N VAL B 171 31.79 -14.62 11.97
CA VAL B 171 31.04 -13.91 10.96
C VAL B 171 30.54 -14.95 9.99
N ILE B 172 29.26 -14.86 9.61
CA ILE B 172 28.69 -15.82 8.64
C ILE B 172 27.88 -14.99 7.64
N SER B 173 28.36 -14.89 6.39
CA SER B 173 27.62 -14.25 5.31
C SER B 173 26.90 -15.21 4.43
N LEU B 174 25.63 -14.93 4.22
CA LEU B 174 24.78 -15.82 3.52
C LEU B 174 24.13 -15.11 2.42
N PRO B 175 23.94 -15.82 1.28
CA PRO B 175 23.29 -15.11 0.20
C PRO B 175 21.84 -14.73 0.51
N LYS B 176 21.48 -13.49 0.19
CA LYS B 176 20.18 -12.91 0.48
C LYS B 176 19.12 -13.69 -0.30
N ASN B 177 19.44 -14.02 -1.57
CA ASN B 177 18.49 -14.84 -2.37
C ASN B 177 18.09 -16.25 -1.90
N ASP B 178 18.85 -16.86 -1.00
CA ASP B 178 18.56 -18.21 -0.53
C ASP B 178 18.56 -18.26 0.99
N LEU B 179 18.28 -17.12 1.63
CA LEU B 179 18.66 -16.94 3.07
C LEU B 179 17.99 -17.99 3.91
N LEU B 180 16.66 -18.15 3.77
CA LEU B 180 15.95 -19.10 4.61
C LEU B 180 16.47 -20.55 4.50
N GLN B 181 16.68 -21.04 3.26
CA GLN B 181 17.24 -22.38 3.07
C GLN B 181 18.63 -22.50 3.67
N ARG B 182 19.45 -21.45 3.52
CA ARG B 182 20.78 -21.51 4.11
C ARG B 182 20.78 -21.59 5.63
N LEU B 183 19.85 -20.88 6.26
CA LEU B 183 19.73 -20.90 7.70
C LEU B 183 19.19 -22.22 8.16
N ASP B 184 18.22 -22.74 7.47
CA ASP B 184 17.69 -24.10 7.85
C ASP B 184 18.83 -25.12 7.79
N ALA B 185 19.69 -24.98 6.79
CA ALA B 185 20.82 -25.90 6.65
C ALA B 185 21.79 -25.82 7.84
N LEU B 186 22.10 -24.58 8.28
CA LEU B 186 22.96 -24.43 9.44
C LEU B 186 22.38 -25.03 10.71
N VAL B 187 21.10 -24.76 10.98
CA VAL B 187 20.37 -25.38 12.09
C VAL B 187 20.42 -26.92 12.03
N ALA B 188 20.26 -27.49 10.84
CA ALA B 188 20.30 -28.93 10.65
C ALA B 188 21.69 -29.56 10.87
N GLU B 189 22.74 -28.86 10.46
CA GLU B 189 24.11 -29.37 10.50
C GLU B 189 24.84 -28.94 11.78
N GLU B 190 24.74 -27.65 12.11
CA GLU B 190 25.59 -27.01 13.13
C GLU B 190 24.98 -27.02 14.54
N HIS B 191 23.75 -27.53 14.66
CA HIS B 191 22.96 -27.44 15.90
C HIS B 191 23.03 -26.07 16.58
N LEU B 192 22.55 -25.06 15.87
CA LEU B 192 22.48 -23.69 16.34
C LEU B 192 21.04 -23.28 16.64
N THR B 193 20.87 -22.07 17.17
CA THR B 193 19.53 -21.38 17.23
C THR B 193 19.59 -20.09 16.42
N VAL B 194 18.71 -19.98 15.41
CA VAL B 194 18.57 -18.79 14.65
C VAL B 194 17.68 -17.80 15.42
N ASP B 195 18.10 -16.56 15.43
CA ASP B 195 17.32 -15.45 15.90
C ASP B 195 15.99 -15.18 15.24
N ALA B 196 14.94 -14.82 16.04
CA ALA B 196 13.61 -14.68 15.49
C ALA B 196 13.48 -13.57 14.46
N ARG B 197 14.22 -12.46 14.65
CA ARG B 197 14.17 -11.40 13.71
C ARG B 197 14.89 -11.83 12.38
N VAL B 198 16.03 -12.47 12.51
CA VAL B 198 16.74 -13.03 11.32
C VAL B 198 15.80 -13.97 10.58
N TYR B 199 15.19 -14.89 11.32
CA TYR B 199 14.26 -15.84 10.68
C TYR B 199 13.04 -15.15 10.05
N SER B 200 12.47 -14.14 10.67
CA SER B 200 11.38 -13.44 10.12
C SER B 200 11.70 -12.75 8.82
N TYR B 201 12.84 -12.07 8.83
CA TYR B 201 13.38 -11.40 7.60
C TYR B 201 13.54 -12.44 6.46
N ALA B 202 14.16 -13.59 6.74
CA ALA B 202 14.44 -14.62 5.76
C ALA B 202 13.14 -15.19 5.22
N LEU B 203 12.16 -15.35 6.11
CA LEU B 203 10.85 -15.78 5.70
C LEU B 203 10.22 -14.84 4.72
N ALA B 204 10.18 -13.55 5.05
CA ALA B 204 9.56 -12.56 4.17
C ALA B 204 10.28 -12.41 2.82
N LEU B 205 11.59 -12.66 2.78
CA LEU B 205 12.32 -12.67 1.45
C LEU B 205 11.70 -13.76 0.56
N LYS B 206 11.42 -14.94 1.11
CA LYS B 206 10.67 -16.00 0.37
C LYS B 206 9.21 -15.65 0.08
N HIS B 207 8.48 -15.14 1.04
CA HIS B 207 7.07 -14.85 0.86
C HIS B 207 6.73 -13.64 -0.08
N ALA B 208 7.73 -12.76 -0.35
CA ALA B 208 7.47 -11.59 -1.23
C ALA B 208 6.99 -12.04 -2.64
N ASN B 209 6.20 -11.17 -3.25
CA ASN B 209 5.44 -11.37 -4.52
C ASN B 209 4.11 -12.09 -4.26
N GLN C 16 -15.67 -13.22 -13.11
CA GLN C 16 -15.41 -13.02 -14.57
C GLN C 16 -13.90 -12.90 -14.83
N TYR C 17 -13.46 -13.31 -16.01
CA TYR C 17 -12.02 -13.27 -16.33
C TYR C 17 -11.82 -13.35 -17.81
N ILE C 18 -10.61 -12.94 -18.22
CA ILE C 18 -10.28 -12.85 -19.63
C ILE C 18 -9.92 -14.24 -20.03
N ILE C 19 -10.36 -14.64 -21.21
CA ILE C 19 -9.91 -15.89 -21.86
C ILE C 19 -8.77 -15.63 -22.90
N SER C 20 -8.88 -14.61 -23.74
CA SER C 20 -7.98 -14.49 -24.90
C SER C 20 -8.01 -13.12 -25.54
N GLU C 21 -6.82 -12.67 -25.97
CA GLU C 21 -6.60 -11.34 -26.56
C GLU C 21 -6.22 -11.42 -28.04
N GLU C 22 -7.24 -11.29 -28.91
CA GLU C 22 -7.13 -11.48 -30.36
C GLU C 22 -6.78 -10.18 -31.09
N LEU C 23 -5.56 -10.09 -31.66
CA LEU C 23 -5.03 -8.86 -32.29
C LEU C 23 -5.59 -8.45 -33.68
N ILE C 24 -6.67 -7.63 -33.70
CA ILE C 24 -7.39 -7.22 -34.94
C ILE C 24 -6.83 -6.10 -35.82
N SER C 25 -5.89 -5.28 -35.34
CA SER C 25 -5.12 -4.32 -36.16
C SER C 25 -4.17 -3.51 -35.32
N GLU C 26 -2.94 -3.30 -35.77
CA GLU C 26 -1.90 -2.68 -34.94
C GLU C 26 -1.26 -1.58 -35.70
N GLY C 27 -1.37 -0.38 -35.16
CA GLY C 27 -0.81 0.78 -35.77
C GLY C 27 0.39 1.14 -34.95
N LYS C 28 1.00 2.27 -35.29
CA LYS C 28 2.18 2.77 -34.59
C LYS C 28 1.92 3.27 -33.16
N TRP C 29 0.72 3.79 -32.89
CA TRP C 29 0.37 4.39 -31.58
C TRP C 29 -0.79 3.71 -30.85
N VAL C 30 -1.71 3.06 -31.57
CA VAL C 30 -2.85 2.31 -30.94
C VAL C 30 -3.05 0.96 -31.68
N LYS C 31 -3.82 0.07 -31.06
CA LYS C 31 -4.25 -1.17 -31.71
C LYS C 31 -5.63 -1.61 -31.25
N LEU C 32 -6.29 -2.42 -32.08
CA LEU C 32 -7.65 -2.95 -31.79
C LEU C 32 -7.55 -4.43 -31.35
N GLU C 33 -8.53 -4.96 -30.57
CA GLU C 33 -8.52 -6.37 -30.14
C GLU C 33 -9.92 -7.02 -29.88
N LYS C 34 -10.00 -8.33 -30.12
CA LYS C 34 -11.18 -9.14 -29.78
C LYS C 34 -10.95 -9.73 -28.39
N THR C 35 -11.81 -9.41 -27.44
CA THR C 35 -11.56 -9.71 -26.03
C THR C 35 -12.57 -10.69 -25.42
N THR C 36 -12.24 -11.99 -25.49
CA THR C 36 -13.18 -13.06 -25.10
C THR C 36 -13.06 -13.39 -23.62
N TYR C 37 -14.19 -13.54 -22.95
CA TYR C 37 -14.27 -13.41 -21.49
C TYR C 37 -15.42 -14.30 -20.93
N MET C 38 -15.30 -14.86 -19.73
CA MET C 38 -16.45 -15.58 -19.08
C MET C 38 -17.29 -14.62 -18.28
N ASP C 39 -18.60 -14.65 -18.46
CA ASP C 39 -19.48 -13.83 -17.62
C ASP C 39 -19.71 -14.51 -16.32
N PRO C 40 -20.40 -13.79 -15.40
CA PRO C 40 -20.69 -14.33 -14.06
C PRO C 40 -21.58 -15.60 -14.06
N THR C 41 -22.61 -15.63 -14.91
CA THR C 41 -23.51 -16.79 -15.04
C THR C 41 -22.87 -18.04 -15.72
N GLY C 42 -21.68 -17.91 -16.34
CA GLY C 42 -20.95 -19.05 -16.98
C GLY C 42 -20.77 -18.96 -18.50
N LYS C 43 -21.59 -18.14 -19.18
CA LYS C 43 -21.51 -17.87 -20.62
C LYS C 43 -20.21 -17.18 -21.06
N THR C 44 -19.56 -17.79 -22.06
CA THR C 44 -18.39 -17.22 -22.77
C THR C 44 -18.89 -16.10 -23.74
N ARG C 45 -18.36 -14.86 -23.63
CA ARG C 45 -18.85 -13.71 -24.44
C ARG C 45 -17.69 -12.98 -25.04
N THR C 46 -17.93 -11.87 -25.77
CA THR C 46 -16.83 -11.16 -26.41
C THR C 46 -17.01 -9.61 -26.49
N TRP C 47 -15.95 -8.92 -26.88
CA TRP C 47 -15.87 -7.42 -26.74
C TRP C 47 -14.80 -6.83 -27.66
N GLU C 48 -15.10 -5.67 -28.29
CA GLU C 48 -14.11 -4.94 -29.09
C GLU C 48 -13.32 -3.95 -28.17
N SER C 49 -12.05 -4.24 -27.92
CA SER C 49 -11.24 -3.55 -26.88
C SER C 49 -10.11 -2.82 -27.53
N VAL C 50 -9.85 -1.60 -27.07
CA VAL C 50 -8.73 -0.82 -27.60
C VAL C 50 -7.65 -0.72 -26.54
N LYS C 51 -6.38 -0.71 -26.97
CA LYS C 51 -5.23 -0.58 -26.11
C LYS C 51 -4.19 0.22 -26.90
N ARG C 52 -3.46 1.11 -26.24
CA ARG C 52 -2.36 1.92 -26.86
C ARG C 52 -1.14 1.06 -26.95
N THR C 53 -0.19 1.39 -27.82
CA THR C 53 1.00 0.53 -28.00
C THR C 53 2.20 0.89 -27.14
N THR C 54 2.14 2.05 -26.51
CA THR C 54 3.30 2.78 -26.02
C THR C 54 3.70 2.39 -24.58
N ARG C 55 2.86 1.62 -23.86
CA ARG C 55 3.01 1.35 -22.40
C ARG C 55 4.06 0.29 -22.04
N LYS C 56 5.07 0.70 -21.27
CA LYS C 56 5.93 -0.23 -20.52
C LYS C 56 5.10 -0.78 -19.35
N GLN C 58 5.46 1.67 -17.55
CA GLN C 58 4.99 2.69 -16.68
C GLN C 58 3.81 2.19 -15.83
N THR C 59 3.55 2.87 -14.70
CA THR C 59 2.39 2.58 -13.84
C THR C 59 1.05 2.82 -14.55
N ALA C 60 1.12 3.59 -15.63
CA ALA C 60 -0.03 3.92 -16.44
C ALA C 60 0.48 4.48 -17.73
N ASP C 61 -0.44 4.65 -18.68
CA ASP C 61 -0.09 5.26 -19.92
C ASP C 61 0.37 6.71 -19.71
N GLY C 62 -0.43 7.49 -18.96
CA GLY C 62 -0.13 8.95 -18.95
C GLY C 62 -0.33 9.61 -17.61
N VAL C 63 -0.19 10.92 -17.59
CA VAL C 63 -0.63 11.66 -16.40
C VAL C 63 -1.51 12.86 -16.88
N ALA C 64 -2.41 13.29 -16.01
CA ALA C 64 -3.20 14.51 -16.20
C ALA C 64 -2.89 15.34 -14.95
N VAL C 65 -2.68 16.63 -15.14
CA VAL C 65 -2.19 17.44 -14.06
C VAL C 65 -3.35 18.35 -13.72
N ILE C 66 -3.74 18.38 -12.44
CA ILE C 66 -4.71 19.37 -11.94
C ILE C 66 -3.88 20.54 -11.33
N PRO C 67 -3.72 21.65 -12.07
CA PRO C 67 -2.71 22.62 -11.64
C PRO C 67 -3.40 23.81 -10.99
N VAL C 68 -3.17 23.94 -9.71
CA VAL C 68 -3.92 24.89 -8.93
C VAL C 68 -2.98 26.10 -8.75
N LEU C 69 -3.35 27.16 -9.42
CA LEU C 69 -2.61 28.42 -9.35
C LEU C 69 -3.01 29.23 -8.12
N GLN C 70 -2.09 29.37 -7.20
CA GLN C 70 -2.26 29.96 -5.89
C GLN C 70 -1.53 31.28 -5.84
N ARG C 71 -2.25 32.31 -5.40
CA ARG C 71 -1.65 33.69 -5.35
C ARG C 71 -2.16 34.40 -4.13
N THR C 72 -1.33 35.23 -3.52
CA THR C 72 -1.65 35.91 -2.26
C THR C 72 -2.96 36.67 -2.37
N LEU C 73 -3.10 37.34 -3.49
CA LEU C 73 -4.21 38.33 -3.62
C LEU C 73 -5.49 37.81 -4.27
N HIS C 74 -5.50 36.54 -4.67
CA HIS C 74 -6.57 36.05 -5.50
C HIS C 74 -7.10 34.70 -5.04
N TYR C 75 -8.31 34.46 -5.49
CA TYR C 75 -8.89 33.09 -5.46
C TYR C 75 -8.09 32.19 -6.36
N GLU C 76 -8.14 30.89 -6.06
CA GLU C 76 -7.32 29.94 -6.83
C GLU C 76 -7.87 29.86 -8.20
N CYS C 77 -6.98 29.61 -9.17
CA CYS C 77 -7.38 29.26 -10.49
C CYS C 77 -6.96 27.85 -10.84
N ILE C 78 -7.68 27.28 -11.76
CA ILE C 78 -7.34 25.91 -12.36
C ILE C 78 -6.77 26.22 -13.76
N VAL C 79 -5.55 25.74 -14.03
CA VAL C 79 -4.84 26.08 -15.30
C VAL C 79 -5.20 24.95 -16.25
N LEU C 80 -5.77 25.26 -17.40
CA LEU C 80 -6.23 24.28 -18.40
C LEU C 80 -5.51 24.64 -19.72
N VAL C 81 -5.53 23.69 -20.62
CA VAL C 81 -4.99 23.89 -21.97
C VAL C 81 -5.98 23.60 -23.05
N LYS C 82 -5.88 24.37 -24.15
CA LYS C 82 -6.71 24.21 -25.29
C LYS C 82 -5.77 23.88 -26.50
N GLN C 83 -6.20 22.85 -27.19
CA GLN C 83 -5.47 22.34 -28.31
C GLN C 83 -6.38 21.66 -29.27
N PHE C 84 -5.92 21.67 -30.52
CA PHE C 84 -6.59 20.96 -31.54
C PHE C 84 -6.25 19.47 -31.33
N ARG C 85 -7.27 18.65 -31.37
CA ARG C 85 -7.22 17.19 -31.16
C ARG C 85 -7.76 16.51 -32.43
N PRO C 86 -6.84 15.91 -33.21
CA PRO C 86 -7.31 15.30 -34.51
C PRO C 86 -8.38 14.29 -34.39
N PRO C 87 -8.33 13.39 -33.38
CA PRO C 87 -9.43 12.47 -33.29
C PRO C 87 -10.82 13.12 -33.13
N MET C 88 -10.88 14.26 -32.47
CA MET C 88 -12.12 15.00 -32.25
C MET C 88 -12.47 15.96 -33.41
N GLY C 89 -11.51 16.27 -34.25
CA GLY C 89 -11.73 17.20 -35.36
C GLY C 89 -11.94 18.64 -34.93
N GLY C 90 -11.51 18.97 -33.71
CA GLY C 90 -11.65 20.32 -33.21
C GLY C 90 -10.87 20.49 -31.93
N TYR C 91 -11.13 21.60 -31.28
CA TYR C 91 -10.37 22.08 -30.14
C TYR C 91 -11.02 21.60 -28.89
N CYS C 92 -10.15 21.22 -27.95
CA CYS C 92 -10.57 20.67 -26.69
C CYS C 92 -9.94 21.40 -25.55
N ILE C 93 -10.70 21.52 -24.43
CA ILE C 93 -10.22 22.10 -23.23
C ILE C 93 -9.97 20.96 -22.18
N GLU C 94 -8.75 20.90 -21.73
CA GLU C 94 -8.23 19.71 -20.92
C GLU C 94 -7.34 20.14 -19.80
N PHE C 95 -7.10 19.22 -18.85
CA PHE C 95 -5.97 19.37 -17.99
C PHE C 95 -4.67 19.14 -18.81
N PRO C 96 -3.60 19.85 -18.45
CA PRO C 96 -2.26 19.58 -19.02
C PRO C 96 -1.95 18.08 -18.80
N ALA C 97 -1.42 17.42 -19.82
CA ALA C 97 -1.37 15.99 -19.81
C ALA C 97 -0.36 15.48 -20.84
N GLY C 98 0.26 14.33 -20.54
CA GLY C 98 1.03 13.66 -21.53
C GLY C 98 1.43 12.26 -21.10
N LEU C 99 2.11 11.56 -21.97
CA LEU C 99 2.48 10.18 -21.62
C LEU C 99 3.70 10.22 -20.71
N ILE C 100 3.74 9.26 -19.77
CA ILE C 100 4.94 9.04 -18.94
C ILE C 100 6.13 8.47 -19.76
N ASP C 101 7.24 9.21 -19.85
CA ASP C 101 8.48 8.74 -20.52
C ASP C 101 9.02 7.45 -19.88
N ASP C 102 10.00 6.84 -20.56
CA ASP C 102 10.75 5.68 -20.02
C ASP C 102 11.57 6.03 -18.78
N GLY C 103 11.31 5.32 -17.70
CA GLY C 103 12.09 5.48 -16.46
C GLY C 103 11.63 6.67 -15.63
N GLU C 104 10.49 7.27 -16.00
CA GLU C 104 10.00 8.51 -15.41
C GLU C 104 9.00 8.16 -14.36
N THR C 105 9.04 8.83 -13.23
CA THR C 105 7.96 8.70 -12.27
C THR C 105 6.66 9.48 -12.77
N PRO C 106 5.47 9.06 -12.36
CA PRO C 106 4.32 9.92 -12.70
C PRO C 106 4.53 11.40 -12.24
N GLU C 107 5.08 11.57 -11.04
CA GLU C 107 5.29 12.88 -10.53
C GLU C 107 6.22 13.75 -11.39
N ALA C 108 7.30 13.20 -11.92
CA ALA C 108 8.25 13.94 -12.69
C ALA C 108 7.57 14.29 -14.01
N ALA C 109 6.91 13.30 -14.59
CA ALA C 109 6.10 13.50 -15.80
C ALA C 109 5.09 14.68 -15.65
N ALA C 110 4.42 14.72 -14.51
CA ALA C 110 3.42 15.75 -14.28
C ALA C 110 4.08 17.14 -14.27
N LEU C 111 5.19 17.30 -13.54
CA LEU C 111 5.89 18.60 -13.52
C LEU C 111 6.50 18.97 -14.88
N ARG C 112 7.02 17.95 -15.57
CA ARG C 112 7.57 18.17 -16.92
C ARG C 112 6.48 18.62 -17.89
N GLU C 113 5.39 17.85 -17.99
CA GLU C 113 4.29 18.14 -18.92
C GLU C 113 3.63 19.48 -18.52
N LEU C 114 3.46 19.72 -17.21
CA LEU C 114 3.00 21.06 -16.81
C LEU C 114 3.88 22.20 -17.29
N GLU C 115 5.19 22.09 -17.05
CA GLU C 115 6.10 23.15 -17.48
C GLU C 115 6.08 23.34 -19.02
N GLU C 116 6.08 22.25 -19.77
CA GLU C 116 6.10 22.32 -21.22
C GLU C 116 4.82 22.92 -21.83
N GLU C 117 3.69 22.58 -21.24
CA GLU C 117 2.41 22.92 -21.85
C GLU C 117 1.91 24.29 -21.37
N THR C 118 2.39 24.74 -20.22
CA THR C 118 1.98 26.01 -19.67
C THR C 118 3.04 27.00 -19.26
N GLY C 119 4.31 26.56 -19.10
CA GLY C 119 5.40 27.32 -18.52
C GLY C 119 5.44 27.45 -17.02
N TYR C 120 4.39 27.01 -16.31
CA TYR C 120 4.48 27.10 -14.88
C TYR C 120 5.40 26.03 -14.24
N LYS C 121 6.08 26.44 -13.21
CA LYS C 121 6.80 25.52 -12.37
C LYS C 121 6.00 25.24 -11.09
N GLY C 122 5.62 24.01 -10.88
CA GLY C 122 4.72 23.63 -9.78
C GLY C 122 5.38 22.68 -8.83
N ASP C 123 4.62 22.36 -7.79
CA ASP C 123 5.03 21.51 -6.67
C ASP C 123 3.99 20.38 -6.58
N ILE C 124 4.42 19.12 -6.45
CA ILE C 124 3.46 18.06 -6.28
C ILE C 124 2.67 18.19 -4.97
N ALA C 125 1.35 18.07 -5.05
CA ALA C 125 0.48 17.96 -3.86
C ALA C 125 0.08 16.52 -3.59
N GLU C 126 -0.36 15.81 -4.60
CA GLU C 126 -0.93 14.47 -4.44
C GLU C 126 -0.92 13.76 -5.82
N CYS C 127 -0.90 12.43 -5.78
CA CYS C 127 -0.86 11.66 -7.02
C CYS C 127 -1.84 10.50 -6.85
N SER C 128 -2.81 10.37 -7.75
CA SER C 128 -3.80 9.31 -7.68
C SER C 128 -3.13 7.96 -8.04
N PRO C 129 -3.82 6.88 -7.65
CA PRO C 129 -3.49 5.59 -8.28
C PRO C 129 -3.84 5.64 -9.77
N ALA C 130 -3.34 4.68 -10.56
CA ALA C 130 -3.83 4.49 -11.97
C ALA C 130 -5.36 4.35 -12.09
N VAL C 131 -5.97 5.25 -12.91
CA VAL C 131 -7.43 5.38 -13.04
C VAL C 131 -7.77 5.26 -14.51
N CYS C 132 -8.92 4.60 -14.79
CA CYS C 132 -9.32 4.18 -16.13
C CYS C 132 -9.93 5.42 -16.84
N MET C 133 -9.59 5.61 -18.09
CA MET C 133 -10.21 6.69 -18.96
C MET C 133 -11.56 6.41 -19.62
N ASP C 134 -11.67 5.23 -20.20
CA ASP C 134 -12.92 4.83 -20.85
C ASP C 134 -12.94 3.30 -20.81
N PRO C 135 -13.37 2.73 -19.65
CA PRO C 135 -13.14 1.31 -19.44
C PRO C 135 -14.06 0.32 -20.23
N GLY C 136 -15.23 0.79 -20.66
CA GLY C 136 -16.13 0.09 -21.61
C GLY C 136 -15.53 -0.02 -23.03
N LEU C 137 -14.44 0.69 -23.27
CA LEU C 137 -13.81 0.73 -24.57
C LEU C 137 -12.34 0.54 -24.60
N SER C 138 -11.60 0.95 -23.59
CA SER C 138 -10.17 0.93 -23.78
C SER C 138 -9.62 0.58 -22.40
N ASN C 139 -8.40 0.15 -22.39
CA ASN C 139 -7.73 -0.09 -21.07
C ASN C 139 -6.88 1.11 -20.64
N CYS C 140 -6.93 2.22 -21.38
CA CYS C 140 -6.03 3.34 -21.09
C CYS C 140 -6.14 3.84 -19.64
N THR C 141 -4.99 4.16 -19.06
CA THR C 141 -4.94 4.65 -17.66
C THR C 141 -4.03 5.90 -17.55
N ILE C 142 -4.34 6.67 -16.51
CA ILE C 142 -3.47 7.75 -16.06
C ILE C 142 -3.35 7.81 -14.56
N HIS C 143 -2.37 8.60 -14.08
CA HIS C 143 -2.39 9.15 -12.75
C HIS C 143 -2.88 10.64 -12.87
N ILE C 144 -3.79 11.01 -12.02
CA ILE C 144 -4.28 12.38 -11.88
C ILE C 144 -3.37 12.94 -10.78
N VAL C 145 -2.56 13.93 -11.17
CA VAL C 145 -1.65 14.46 -10.23
C VAL C 145 -2.00 15.93 -9.94
N THR C 146 -2.23 16.18 -8.67
CA THR C 146 -2.60 17.52 -8.23
C THR C 146 -1.31 18.27 -8.02
N VAL C 147 -1.21 19.50 -8.58
CA VAL C 147 0.04 20.24 -8.52
C VAL C 147 -0.26 21.65 -8.13
N THR C 148 0.45 22.23 -7.17
CA THR C 148 0.18 23.66 -6.73
C THR C 148 1.19 24.47 -7.47
N ILE C 149 0.80 25.64 -7.94
CA ILE C 149 1.75 26.55 -8.55
C ILE C 149 1.78 27.84 -7.74
N ASN C 150 2.95 28.27 -7.25
CA ASN C 150 3.10 29.54 -6.55
C ASN C 150 3.14 30.60 -7.62
N GLY C 151 2.01 31.23 -7.82
CA GLY C 151 1.87 32.31 -8.82
C GLY C 151 2.55 33.62 -8.48
N ASP C 152 2.91 33.79 -7.25
CA ASP C 152 3.59 35.02 -6.78
C ASP C 152 5.10 34.88 -6.84
N ASP C 153 5.60 33.69 -7.13
CA ASP C 153 7.03 33.48 -7.13
C ASP C 153 7.50 34.12 -8.41
N ALA C 154 8.58 34.89 -8.28
CA ALA C 154 9.16 35.55 -9.40
C ALA C 154 9.44 34.55 -10.55
N GLU C 155 9.86 33.33 -10.21
CA GLU C 155 10.06 32.33 -11.28
C GLU C 155 8.80 32.00 -12.09
N ASN C 156 7.59 32.22 -11.53
CA ASN C 156 6.40 32.06 -12.30
C ASN C 156 5.84 33.34 -12.88
N ALA C 157 6.65 34.39 -12.92
CA ALA C 157 6.10 35.68 -13.34
C ALA C 157 5.66 35.73 -14.81
N ARG C 158 6.38 35.03 -15.67
CA ARG C 158 6.26 35.22 -17.10
C ARG C 158 6.19 33.87 -17.75
N PRO C 159 5.29 32.99 -17.31
CA PRO C 159 5.24 31.62 -17.82
C PRO C 159 5.19 31.52 -19.34
N LYS C 160 6.11 30.75 -19.94
CA LYS C 160 6.16 30.53 -21.39
C LYS C 160 6.14 29.05 -21.69
N PRO C 161 5.06 28.56 -22.30
CA PRO C 161 5.12 27.18 -22.67
C PRO C 161 6.35 26.91 -23.55
N LYS C 162 6.89 25.70 -23.49
CA LYS C 162 7.93 25.24 -24.41
C LYS C 162 7.48 23.87 -24.90
N PRO C 163 6.53 23.83 -25.86
CA PRO C 163 5.93 22.55 -26.16
C PRO C 163 6.67 21.83 -27.28
N GLY C 164 6.34 20.55 -27.47
CA GLY C 164 6.97 19.70 -28.47
C GLY C 164 6.86 20.24 -29.88
N ASP C 165 7.68 19.68 -30.76
CA ASP C 165 7.44 19.79 -32.19
C ASP C 165 6.06 19.20 -32.44
N GLY C 166 5.22 19.93 -33.15
CA GLY C 166 3.85 19.50 -33.37
C GLY C 166 2.90 19.51 -32.17
N GLU C 167 3.23 20.23 -31.08
CA GLU C 167 2.28 20.52 -29.99
C GLU C 167 2.03 22.02 -30.08
N PHE C 168 0.76 22.41 -30.03
CA PHE C 168 0.34 23.79 -30.20
C PHE C 168 -0.72 24.03 -29.11
N VAL C 169 -0.31 24.71 -28.06
CA VAL C 169 -1.08 24.76 -26.81
C VAL C 169 -1.36 26.18 -26.42
N GLU C 170 -2.63 26.46 -26.04
CA GLU C 170 -3.02 27.74 -25.47
C GLU C 170 -3.44 27.51 -24.03
N VAL C 171 -2.98 28.39 -23.16
CA VAL C 171 -3.27 28.25 -21.72
C VAL C 171 -4.47 29.09 -21.39
N ILE C 172 -5.36 28.50 -20.58
CA ILE C 172 -6.54 29.22 -20.08
C ILE C 172 -6.61 28.90 -18.57
N SER C 173 -6.57 29.93 -17.71
CA SER C 173 -6.66 29.78 -16.25
C SER C 173 -8.03 30.31 -15.81
N LEU C 174 -8.80 29.47 -15.13
CA LEU C 174 -10.18 29.79 -14.73
C LEU C 174 -10.33 29.68 -13.24
N PRO C 175 -11.10 30.57 -12.60
CA PRO C 175 -11.20 30.54 -11.13
C PRO C 175 -11.86 29.25 -10.66
N LYS C 176 -11.27 28.59 -9.68
CA LYS C 176 -11.77 27.34 -9.18
C LYS C 176 -13.21 27.47 -8.62
N ASN C 177 -13.47 28.61 -7.93
CA ASN C 177 -14.82 28.87 -7.35
C ASN C 177 -15.91 29.24 -8.38
N ASP C 178 -15.58 29.29 -9.65
CA ASP C 178 -16.58 29.52 -10.69
C ASP C 178 -16.33 28.64 -11.93
N LEU C 179 -15.74 27.46 -11.74
CA LEU C 179 -15.16 26.73 -12.92
C LEU C 179 -16.17 26.33 -13.94
N LEU C 180 -17.26 25.70 -13.48
CA LEU C 180 -18.25 25.16 -14.36
C LEU C 180 -18.89 26.23 -15.20
N GLN C 181 -19.33 27.31 -14.55
CA GLN C 181 -19.96 28.43 -15.29
C GLN C 181 -19.00 29.07 -16.31
N ARG C 182 -17.75 29.19 -15.94
CA ARG C 182 -16.75 29.71 -16.85
C ARG C 182 -16.44 28.81 -17.99
N LEU C 183 -16.39 27.47 -17.76
CA LEU C 183 -16.33 26.50 -18.86
C LEU C 183 -17.56 26.58 -19.81
N ASP C 184 -18.74 26.55 -19.21
CA ASP C 184 -20.04 26.77 -19.89
C ASP C 184 -19.99 28.00 -20.80
N ALA C 185 -19.43 29.10 -20.35
CA ALA C 185 -19.30 30.34 -21.18
C ALA C 185 -18.29 30.21 -22.34
N LEU C 186 -17.20 29.46 -22.15
CA LEU C 186 -16.29 29.19 -23.29
C LEU C 186 -16.88 28.36 -24.40
N VAL C 187 -17.63 27.34 -24.01
CA VAL C 187 -18.38 26.43 -24.85
C VAL C 187 -19.41 27.25 -25.66
N ALA C 188 -19.97 28.30 -25.07
CA ALA C 188 -20.98 29.18 -25.75
C ALA C 188 -20.39 30.10 -26.79
N GLU C 189 -19.21 30.64 -26.53
CA GLU C 189 -18.55 31.59 -27.42
C GLU C 189 -17.94 30.94 -28.71
N GLU C 190 -17.63 29.62 -28.66
CA GLU C 190 -16.83 28.92 -29.71
C GLU C 190 -17.21 27.47 -29.74
N HIS C 191 -17.00 26.75 -30.85
CA HIS C 191 -17.11 25.29 -30.79
C HIS C 191 -15.82 24.72 -30.25
N LEU C 192 -15.96 24.22 -29.05
CA LEU C 192 -14.91 23.50 -28.45
C LEU C 192 -15.55 22.58 -27.48
N THR C 193 -14.77 21.55 -27.14
CA THR C 193 -15.29 20.47 -26.29
C THR C 193 -14.48 20.48 -24.99
N VAL C 194 -15.20 20.40 -23.87
CA VAL C 194 -14.57 20.21 -22.60
C VAL C 194 -14.29 18.72 -22.30
N ASP C 195 -13.13 18.47 -21.80
CA ASP C 195 -12.76 17.12 -21.35
C ASP C 195 -13.66 16.61 -20.20
N ALA C 196 -14.03 15.34 -20.27
CA ALA C 196 -14.91 14.74 -19.23
C ALA C 196 -14.31 14.76 -17.81
N ARG C 197 -13.00 14.67 -17.69
CA ARG C 197 -12.37 14.75 -16.32
C ARG C 197 -12.45 16.18 -15.79
N VAL C 198 -12.17 17.12 -16.68
CA VAL C 198 -12.35 18.50 -16.34
C VAL C 198 -13.80 18.82 -15.91
N TYR C 199 -14.81 18.41 -16.68
CA TYR C 199 -16.17 18.69 -16.36
C TYR C 199 -16.63 18.04 -15.06
N SER C 200 -16.17 16.83 -14.83
CA SER C 200 -16.52 16.08 -13.60
C SER C 200 -15.94 16.81 -12.41
N TYR C 201 -14.72 17.29 -12.57
CA TYR C 201 -14.04 18.10 -11.53
C TYR C 201 -14.86 19.38 -11.26
N ALA C 202 -15.21 20.13 -12.33
CA ALA C 202 -16.04 21.35 -12.17
C ALA C 202 -17.39 21.08 -11.49
N LEU C 203 -17.96 19.96 -11.82
CA LEU C 203 -19.29 19.63 -11.26
C LEU C 203 -19.19 19.40 -9.75
N ALA C 204 -18.24 18.61 -9.34
CA ALA C 204 -18.00 18.37 -7.89
C ALA C 204 -17.68 19.65 -7.14
N LEU C 205 -16.83 20.54 -7.73
CA LEU C 205 -16.62 21.82 -7.09
C LEU C 205 -17.96 22.56 -6.77
N LYS C 206 -18.87 22.60 -7.72
CA LYS C 206 -20.21 23.20 -7.58
C LYS C 206 -21.05 22.45 -6.53
N HIS C 207 -20.96 21.15 -6.57
CA HIS C 207 -21.83 20.28 -5.69
C HIS C 207 -21.39 20.18 -4.27
N ALA C 208 -20.09 20.36 -4.01
CA ALA C 208 -19.69 20.44 -2.62
C ALA C 208 -20.56 21.59 -2.10
N LYS D 15 -7.80 27.99 -37.66
CA LYS D 15 -6.32 27.80 -37.51
C LYS D 15 -5.92 26.41 -37.98
N GLN D 16 -6.24 25.34 -37.23
CA GLN D 16 -6.02 23.96 -37.66
C GLN D 16 -7.28 23.31 -38.19
N TYR D 17 -7.14 22.30 -39.06
CA TYR D 17 -8.30 21.54 -39.57
C TYR D 17 -7.97 20.16 -40.07
N ILE D 18 -9.01 19.31 -40.12
CA ILE D 18 -9.03 17.94 -40.69
C ILE D 18 -8.93 18.05 -42.21
N ILE D 19 -8.21 17.11 -42.82
CA ILE D 19 -8.05 16.99 -44.30
C ILE D 19 -8.66 15.67 -44.78
N SER D 20 -8.25 14.56 -44.17
CA SER D 20 -8.79 13.25 -44.50
C SER D 20 -8.92 12.31 -43.33
N GLU D 21 -9.77 11.32 -43.52
CA GLU D 21 -10.04 10.30 -42.55
C GLU D 21 -10.02 8.94 -43.28
N GLU D 22 -8.86 8.30 -43.30
CA GLU D 22 -8.66 7.01 -44.00
C GLU D 22 -9.03 5.86 -43.07
N LEU D 23 -10.03 5.04 -43.43
CA LEU D 23 -10.42 3.86 -42.62
C LEU D 23 -9.25 2.89 -42.64
N ILE D 24 -8.82 2.44 -41.45
CA ILE D 24 -7.75 1.42 -41.32
C ILE D 24 -8.35 0.09 -40.85
N SER D 25 -9.28 0.12 -39.91
CA SER D 25 -10.05 -1.11 -39.58
C SER D 25 -11.37 -0.79 -38.84
N GLU D 26 -12.40 -1.62 -39.07
CA GLU D 26 -13.79 -1.36 -38.71
C GLU D 26 -14.45 -2.69 -38.29
N GLY D 27 -15.18 -2.68 -37.18
CA GLY D 27 -15.61 -3.88 -36.45
C GLY D 27 -17.02 -3.67 -35.99
N LYS D 28 -17.57 -4.62 -35.24
CA LYS D 28 -18.99 -4.57 -34.85
C LYS D 28 -19.35 -3.35 -33.99
N TRP D 29 -18.39 -2.82 -33.21
CA TRP D 29 -18.64 -1.65 -32.32
C TRP D 29 -17.59 -0.47 -32.31
N VAL D 30 -16.37 -0.69 -32.84
CA VAL D 30 -15.29 0.29 -32.72
C VAL D 30 -14.47 0.26 -33.99
N LYS D 31 -13.77 1.35 -34.31
CA LYS D 31 -12.97 1.44 -35.56
C LYS D 31 -11.76 2.36 -35.43
N LEU D 32 -10.75 2.13 -36.27
CA LEU D 32 -9.48 2.83 -36.23
C LEU D 32 -9.32 3.52 -37.57
N GLU D 33 -8.82 4.75 -37.56
CA GLU D 33 -8.55 5.51 -38.79
C GLU D 33 -7.23 6.24 -38.71
N LYS D 34 -6.70 6.58 -39.87
CA LYS D 34 -5.59 7.53 -39.98
C LYS D 34 -6.16 8.91 -40.36
N THR D 35 -5.79 9.93 -39.58
CA THR D 35 -6.28 11.31 -39.73
C THR D 35 -5.16 12.19 -40.24
N THR D 36 -5.40 12.95 -41.32
CA THR D 36 -4.46 13.97 -41.78
C THR D 36 -5.02 15.35 -41.42
N TYR D 37 -4.14 16.28 -41.03
CA TYR D 37 -4.58 17.60 -40.60
C TYR D 37 -3.51 18.66 -40.80
N MET D 38 -3.95 19.90 -40.94
CA MET D 38 -3.08 21.02 -41.05
C MET D 38 -2.86 21.58 -39.68
N ASP D 39 -1.59 21.81 -39.33
CA ASP D 39 -1.19 22.47 -38.09
C ASP D 39 -1.15 24.00 -38.26
N PRO D 40 -0.87 24.75 -37.19
CA PRO D 40 -0.88 26.22 -37.36
C PRO D 40 0.19 26.79 -38.30
N THR D 41 1.37 26.15 -38.33
CA THR D 41 2.47 26.55 -39.22
C THR D 41 2.08 26.42 -40.70
N GLY D 42 1.21 25.47 -41.02
CA GLY D 42 0.82 25.14 -42.41
C GLY D 42 1.35 23.79 -42.87
N LYS D 43 1.93 23.03 -41.96
CA LYS D 43 2.37 21.66 -42.24
C LYS D 43 1.24 20.64 -42.02
N THR D 44 1.21 19.65 -42.91
CA THR D 44 0.31 18.52 -42.85
C THR D 44 0.93 17.54 -41.86
N ARG D 45 0.14 16.94 -40.98
CA ARG D 45 0.64 15.90 -40.07
C ARG D 45 -0.41 14.81 -40.00
N THR D 46 -0.14 13.71 -39.31
CA THR D 46 -1.16 12.64 -39.18
C THR D 46 -1.39 12.17 -37.74
N TRP D 47 -2.44 11.36 -37.54
CA TRP D 47 -2.86 10.89 -36.22
C TRP D 47 -3.71 9.63 -36.34
N GLU D 48 -3.43 8.62 -35.50
CA GLU D 48 -4.27 7.42 -35.44
C GLU D 48 -5.42 7.61 -34.44
N SER D 49 -6.66 7.56 -34.94
CA SER D 49 -7.86 7.86 -34.15
C SER D 49 -8.88 6.75 -34.12
N VAL D 50 -9.53 6.61 -32.98
CA VAL D 50 -10.47 5.57 -32.69
C VAL D 50 -11.85 6.20 -32.64
N LYS D 51 -12.87 5.56 -33.25
CA LYS D 51 -14.27 5.98 -33.14
C LYS D 51 -15.23 4.80 -32.91
N ARG D 52 -16.36 5.04 -32.25
CA ARG D 52 -17.43 4.06 -32.16
C ARG D 52 -18.15 4.05 -33.52
N THR D 53 -18.95 3.01 -33.77
CA THR D 53 -19.63 2.85 -35.06
C THR D 53 -21.12 3.01 -34.87
N THR D 54 -21.55 3.56 -33.73
CA THR D 54 -22.95 3.49 -33.30
C THR D 54 -23.50 4.89 -33.03
N ALA D 60 -24.18 12.87 -28.56
CA ALA D 60 -22.99 12.15 -28.03
C ALA D 60 -23.12 10.61 -28.07
N ASP D 61 -22.05 9.86 -27.80
CA ASP D 61 -22.15 8.36 -27.75
C ASP D 61 -22.94 7.83 -26.56
N GLY D 62 -22.55 8.27 -25.36
CA GLY D 62 -23.24 7.88 -24.10
C GLY D 62 -23.67 8.97 -23.11
N VAL D 63 -24.12 8.47 -21.96
CA VAL D 63 -24.39 9.24 -20.78
C VAL D 63 -23.55 8.60 -19.67
N ALA D 64 -23.14 9.42 -18.71
CA ALA D 64 -22.72 8.93 -17.37
C ALA D 64 -23.58 9.66 -16.43
N VAL D 65 -24.04 9.03 -15.35
CA VAL D 65 -24.93 9.59 -14.43
C VAL D 65 -24.17 9.82 -13.10
N ILE D 66 -24.30 11.04 -12.56
CA ILE D 66 -23.95 11.36 -11.16
C ILE D 66 -25.20 11.34 -10.28
N PRO D 67 -25.45 10.20 -9.60
CA PRO D 67 -26.70 10.07 -8.84
C PRO D 67 -26.47 10.40 -7.32
N VAL D 68 -27.13 11.45 -6.84
CA VAL D 68 -27.00 11.90 -5.47
C VAL D 68 -28.27 11.40 -4.72
N LEU D 69 -28.12 10.37 -3.91
CA LEU D 69 -29.21 9.80 -3.01
C LEU D 69 -29.45 10.65 -1.74
N GLN D 70 -30.60 11.29 -1.66
CA GLN D 70 -30.87 12.27 -0.62
C GLN D 70 -31.99 11.76 0.28
N ARG D 71 -31.74 11.70 1.59
CA ARG D 71 -32.79 11.44 2.61
C ARG D 71 -32.79 12.62 3.60
N THR D 72 -33.96 13.14 3.99
CA THR D 72 -33.99 14.24 4.98
C THR D 72 -33.39 13.71 6.28
N LEU D 73 -32.66 14.54 7.01
CA LEU D 73 -32.01 14.09 8.25
C LEU D 73 -30.85 13.09 8.07
N HIS D 74 -30.29 13.01 6.86
CA HIS D 74 -29.18 12.07 6.59
C HIS D 74 -28.17 12.74 5.64
N TYR D 75 -26.99 12.19 5.57
CA TYR D 75 -25.88 12.63 4.65
C TYR D 75 -26.30 12.21 3.25
N GLU D 76 -25.80 12.92 2.24
CA GLU D 76 -25.90 12.41 0.86
C GLU D 76 -24.94 11.30 0.57
N CYS D 77 -25.31 10.42 -0.36
CA CYS D 77 -24.44 9.33 -0.85
C CYS D 77 -24.45 9.40 -2.38
N ILE D 78 -23.37 8.90 -2.97
CA ILE D 78 -23.14 8.96 -4.39
C ILE D 78 -23.23 7.49 -4.80
N VAL D 79 -24.18 7.19 -5.70
CA VAL D 79 -24.49 5.82 -6.03
C VAL D 79 -23.52 5.44 -7.17
N LEU D 80 -22.62 4.51 -6.96
CA LEU D 80 -21.69 4.10 -8.01
C LEU D 80 -22.09 2.71 -8.41
N VAL D 81 -21.39 2.14 -9.41
CA VAL D 81 -21.68 0.77 -9.85
C VAL D 81 -20.36 0.14 -10.18
N LYS D 82 -20.23 -1.16 -9.89
CA LYS D 82 -18.99 -1.96 -10.28
C LYS D 82 -19.47 -3.06 -11.15
N GLN D 83 -18.60 -3.36 -12.09
CA GLN D 83 -18.85 -4.36 -13.09
C GLN D 83 -17.50 -4.63 -13.71
N PHE D 84 -17.38 -5.80 -14.34
CA PHE D 84 -16.18 -6.27 -15.05
C PHE D 84 -16.21 -5.63 -16.42
N ARG D 85 -15.05 -5.12 -16.82
CA ARG D 85 -14.88 -4.35 -18.04
C ARG D 85 -13.82 -5.10 -18.84
N PRO D 86 -14.23 -5.84 -19.86
CA PRO D 86 -13.26 -6.56 -20.70
C PRO D 86 -12.08 -5.85 -21.22
N PRO D 87 -12.20 -4.59 -21.70
CA PRO D 87 -10.95 -3.99 -22.14
C PRO D 87 -9.92 -3.76 -20.96
N MET D 88 -10.41 -3.60 -19.73
CA MET D 88 -9.54 -3.40 -18.55
C MET D 88 -9.07 -4.73 -17.93
N GLY D 89 -9.69 -5.85 -18.30
CA GLY D 89 -9.36 -7.05 -17.57
C GLY D 89 -9.78 -7.09 -16.11
N GLY D 90 -10.67 -6.22 -15.65
CA GLY D 90 -10.95 -6.24 -14.22
C GLY D 90 -12.16 -5.47 -13.93
N TYR D 91 -12.55 -5.46 -12.67
CA TYR D 91 -13.76 -4.75 -12.31
C TYR D 91 -13.40 -3.25 -12.15
N CYS D 92 -14.37 -2.36 -12.49
CA CYS D 92 -14.22 -0.98 -12.46
C CYS D 92 -15.37 -0.40 -11.67
N ILE D 93 -15.07 0.68 -10.96
CA ILE D 93 -16.07 1.41 -10.19
C ILE D 93 -16.27 2.70 -10.98
N GLU D 94 -17.52 2.89 -11.46
CA GLU D 94 -17.89 3.96 -12.38
C GLU D 94 -19.16 4.59 -11.96
N PHE D 95 -19.48 5.71 -12.60
CA PHE D 95 -20.78 6.30 -12.45
C PHE D 95 -21.64 5.34 -13.31
N PRO D 96 -22.88 5.13 -12.91
CA PRO D 96 -23.77 4.39 -13.90
C PRO D 96 -23.71 5.08 -15.28
N ALA D 97 -23.47 4.30 -16.33
CA ALA D 97 -23.29 4.82 -17.70
C ALA D 97 -23.97 3.92 -18.72
N GLY D 98 -24.11 4.42 -19.94
CA GLY D 98 -24.52 3.57 -21.06
C GLY D 98 -24.78 4.38 -22.31
N LEU D 99 -24.98 3.68 -23.42
CA LEU D 99 -25.20 4.40 -24.70
C LEU D 99 -26.57 4.99 -24.79
N ILE D 100 -26.64 6.04 -25.60
CA ILE D 100 -27.88 6.68 -25.86
C ILE D 100 -28.40 5.86 -27.06
N ASP D 101 -29.64 5.42 -26.90
CA ASP D 101 -30.38 4.65 -27.92
C ASP D 101 -30.97 5.62 -28.95
N ASP D 102 -31.00 5.20 -30.23
CA ASP D 102 -31.55 6.04 -31.32
C ASP D 102 -32.89 6.70 -30.94
N GLY D 103 -32.95 8.04 -31.02
CA GLY D 103 -34.20 8.79 -30.76
C GLY D 103 -34.64 8.96 -29.33
N GLU D 104 -33.68 9.04 -28.42
CA GLU D 104 -33.92 9.26 -27.00
C GLU D 104 -32.96 10.36 -26.58
N THR D 105 -33.48 11.30 -25.79
CA THR D 105 -32.71 12.43 -25.28
C THR D 105 -31.68 11.92 -24.25
N PRO D 106 -30.58 12.66 -24.03
CA PRO D 106 -29.65 12.35 -22.90
C PRO D 106 -30.31 12.24 -21.50
N GLU D 107 -31.21 13.17 -21.17
CA GLU D 107 -31.86 13.13 -19.89
C GLU D 107 -32.58 11.81 -19.74
N ALA D 108 -33.39 11.41 -20.73
CA ALA D 108 -34.22 10.21 -20.59
C ALA D 108 -33.32 8.97 -20.59
N ALA D 109 -32.21 9.01 -21.34
CA ALA D 109 -31.28 7.90 -21.26
C ALA D 109 -30.64 7.79 -19.85
N ALA D 110 -30.35 8.93 -19.23
CA ALA D 110 -29.75 8.89 -17.89
C ALA D 110 -30.75 8.25 -16.90
N LEU D 111 -32.00 8.73 -16.89
CA LEU D 111 -32.98 8.19 -15.94
C LEU D 111 -33.24 6.70 -16.18
N ARG D 112 -33.23 6.29 -17.44
CA ARG D 112 -33.51 4.88 -17.75
C ARG D 112 -32.31 4.02 -17.36
N GLU D 113 -31.14 4.45 -17.79
CA GLU D 113 -29.89 3.70 -17.47
C GLU D 113 -29.55 3.71 -15.93
N LEU D 114 -29.97 4.73 -15.18
CA LEU D 114 -29.82 4.73 -13.70
C LEU D 114 -30.81 3.73 -13.06
N GLU D 115 -32.07 3.80 -13.49
CA GLU D 115 -33.06 2.79 -13.09
C GLU D 115 -32.67 1.36 -13.49
N GLU D 116 -32.15 1.15 -14.71
CA GLU D 116 -31.59 -0.19 -15.08
C GLU D 116 -30.48 -0.73 -14.21
N GLU D 117 -29.47 0.10 -13.95
CA GLU D 117 -28.23 -0.40 -13.33
C GLU D 117 -28.29 -0.37 -11.80
N THR D 118 -29.22 0.41 -11.25
CA THR D 118 -29.37 0.62 -9.81
C THR D 118 -30.74 0.45 -9.19
N GLY D 119 -31.78 0.52 -10.00
CA GLY D 119 -33.14 0.45 -9.44
C GLY D 119 -33.72 1.79 -9.05
N TYR D 120 -32.93 2.87 -8.93
CA TYR D 120 -33.49 4.15 -8.45
C TYR D 120 -34.20 5.00 -9.55
N LYS D 121 -35.19 5.76 -9.13
CA LYS D 121 -35.98 6.68 -9.93
C LYS D 121 -35.55 8.08 -9.54
N GLY D 122 -34.84 8.71 -10.48
CA GLY D 122 -34.12 9.95 -10.28
C GLY D 122 -34.98 11.11 -10.73
N ASP D 123 -34.53 12.30 -10.41
CA ASP D 123 -35.09 13.54 -10.90
C ASP D 123 -33.91 14.21 -11.55
N ILE D 124 -34.07 14.76 -12.75
CA ILE D 124 -32.94 15.39 -13.41
C ILE D 124 -32.57 16.71 -12.73
N ALA D 125 -31.30 16.84 -12.34
CA ALA D 125 -30.78 18.08 -11.76
C ALA D 125 -30.14 18.96 -12.83
N GLU D 126 -29.29 18.37 -13.66
CA GLU D 126 -28.57 19.14 -14.72
C GLU D 126 -27.93 18.13 -15.68
N CYS D 127 -27.52 18.63 -16.85
CA CYS D 127 -27.01 17.79 -17.92
C CYS D 127 -25.94 18.59 -18.67
N SER D 128 -24.76 17.99 -18.84
CA SER D 128 -23.63 18.66 -19.50
C SER D 128 -23.85 18.72 -21.00
N PRO D 129 -23.10 19.60 -21.68
CA PRO D 129 -22.98 19.35 -23.09
C PRO D 129 -22.11 18.10 -23.32
N ALA D 130 -21.96 17.74 -24.57
CA ALA D 130 -21.12 16.60 -24.92
C ALA D 130 -19.66 16.87 -24.53
N VAL D 131 -19.06 15.93 -23.76
CA VAL D 131 -17.71 16.12 -23.25
C VAL D 131 -16.90 14.89 -23.71
N CYS D 132 -15.63 15.11 -23.98
CA CYS D 132 -14.77 14.15 -24.64
C CYS D 132 -14.14 13.20 -23.58
N MET D 133 -14.12 11.93 -23.94
CA MET D 133 -13.58 10.85 -23.10
C MET D 133 -12.08 10.73 -23.09
N ASP D 134 -11.42 10.88 -24.22
CA ASP D 134 -10.00 10.74 -24.34
C ASP D 134 -9.59 11.29 -25.69
N PRO D 135 -9.40 12.65 -25.77
CA PRO D 135 -9.50 13.24 -27.10
C PRO D 135 -8.24 13.09 -27.89
N GLY D 136 -7.09 12.92 -27.24
CA GLY D 136 -5.86 12.52 -27.88
C GLY D 136 -5.87 11.09 -28.48
N LEU D 137 -6.95 10.35 -28.28
CA LEU D 137 -7.11 8.98 -28.75
C LEU D 137 -8.38 8.72 -29.56
N SER D 138 -9.55 9.11 -29.08
CA SER D 138 -10.81 8.77 -29.70
C SER D 138 -11.71 9.99 -29.82
N ASN D 139 -12.82 9.84 -30.51
CA ASN D 139 -13.76 10.93 -30.61
C ASN D 139 -14.91 10.72 -29.70
N CYS D 140 -14.82 9.79 -28.73
CA CYS D 140 -16.04 9.48 -27.97
C CYS D 140 -16.36 10.62 -27.03
N THR D 141 -17.66 10.80 -26.86
CA THR D 141 -18.18 11.83 -26.00
C THR D 141 -19.31 11.26 -25.22
N ILE D 142 -19.62 11.92 -24.12
CA ILE D 142 -20.83 11.66 -23.36
C ILE D 142 -21.43 12.96 -22.89
N HIS D 143 -22.64 12.86 -22.37
CA HIS D 143 -23.16 13.88 -21.51
C HIS D 143 -23.01 13.29 -20.11
N ILE D 144 -22.54 14.15 -19.23
CA ILE D 144 -22.64 13.86 -17.76
C ILE D 144 -23.90 14.43 -17.22
N VAL D 145 -24.75 13.56 -16.64
CA VAL D 145 -26.05 13.96 -16.19
C VAL D 145 -26.12 13.83 -14.68
N THR D 146 -26.41 14.94 -13.96
CA THR D 146 -26.49 14.95 -12.51
C THR D 146 -27.95 14.64 -12.15
N VAL D 147 -28.16 13.67 -11.25
CA VAL D 147 -29.52 13.11 -10.97
C VAL D 147 -29.79 12.94 -9.44
N THR D 148 -30.86 13.51 -8.90
CA THR D 148 -31.12 13.41 -7.44
C THR D 148 -32.15 12.32 -7.25
N ILE D 149 -32.04 11.61 -6.14
CA ILE D 149 -32.89 10.44 -5.88
C ILE D 149 -33.57 10.86 -4.60
N ASN D 150 -34.88 10.71 -4.54
CA ASN D 150 -35.62 11.09 -3.34
C ASN D 150 -35.76 9.78 -2.60
N GLY D 151 -34.82 9.50 -1.68
CA GLY D 151 -34.82 8.25 -0.91
C GLY D 151 -35.88 8.21 0.19
N ASP D 152 -36.62 9.30 0.37
CA ASP D 152 -37.84 9.33 1.24
C ASP D 152 -39.14 9.02 0.45
N ASP D 153 -39.00 8.54 -0.79
CA ASP D 153 -40.11 8.05 -1.57
C ASP D 153 -40.09 6.54 -1.44
N ALA D 154 -41.29 5.99 -1.23
CA ALA D 154 -41.52 4.54 -1.23
C ALA D 154 -40.81 3.85 -2.42
N GLU D 155 -41.00 4.38 -3.63
CA GLU D 155 -40.46 3.78 -4.85
C GLU D 155 -38.95 3.59 -4.80
N ASN D 156 -38.26 4.46 -4.03
CA ASN D 156 -36.80 4.34 -3.77
C ASN D 156 -36.39 3.78 -2.39
N ALA D 157 -37.31 3.12 -1.68
CA ALA D 157 -37.04 2.66 -0.31
C ALA D 157 -36.10 1.46 -0.33
N ARG D 158 -36.35 0.54 -1.26
CA ARG D 158 -35.54 -0.66 -1.39
C ARG D 158 -35.65 -1.22 -2.81
N PRO D 159 -35.11 -0.48 -3.79
CA PRO D 159 -35.14 -0.92 -5.18
C PRO D 159 -33.98 -1.86 -5.52
N LYS D 160 -34.15 -2.62 -6.61
CA LYS D 160 -33.10 -3.54 -7.15
C LYS D 160 -33.01 -3.36 -8.67
N PRO D 161 -31.88 -3.73 -9.30
CA PRO D 161 -31.63 -3.37 -10.70
C PRO D 161 -32.57 -4.04 -11.71
N LYS D 162 -32.32 -3.82 -13.01
CA LYS D 162 -32.98 -4.55 -14.10
C LYS D 162 -32.00 -4.62 -15.29
N PRO D 163 -31.00 -5.52 -15.21
CA PRO D 163 -29.97 -5.53 -16.24
C PRO D 163 -30.45 -6.11 -17.57
N GLY D 164 -29.90 -5.63 -18.68
CA GLY D 164 -30.02 -6.34 -19.95
C GLY D 164 -29.33 -7.70 -19.85
N ASP D 165 -29.39 -8.49 -20.94
CA ASP D 165 -28.63 -9.76 -21.02
C ASP D 165 -27.17 -9.35 -21.13
N GLY D 166 -26.28 -10.13 -20.56
CA GLY D 166 -24.87 -9.77 -20.50
C GLY D 166 -24.47 -8.57 -19.64
N GLU D 167 -25.38 -8.09 -18.77
CA GLU D 167 -25.08 -6.99 -17.85
C GLU D 167 -25.14 -7.48 -16.42
N PHE D 168 -24.02 -7.27 -15.69
CA PHE D 168 -23.84 -7.76 -14.32
C PHE D 168 -23.12 -6.66 -13.55
N VAL D 169 -23.89 -5.97 -12.72
CA VAL D 169 -23.41 -4.79 -12.03
C VAL D 169 -23.75 -4.81 -10.54
N GLU D 170 -22.74 -4.57 -9.68
CA GLU D 170 -22.95 -4.26 -8.25
C GLU D 170 -23.14 -2.76 -8.01
N VAL D 171 -24.16 -2.38 -7.25
CA VAL D 171 -24.37 -1.00 -6.82
C VAL D 171 -23.48 -0.77 -5.59
N ILE D 172 -22.79 0.37 -5.55
CA ILE D 172 -21.87 0.75 -4.43
C ILE D 172 -22.21 2.18 -4.04
N SER D 173 -22.97 2.34 -2.96
CA SER D 173 -23.40 3.64 -2.50
C SER D 173 -22.37 4.10 -1.47
N LEU D 174 -21.75 5.26 -1.70
CA LEU D 174 -20.68 5.76 -0.80
C LEU D 174 -20.99 7.11 -0.32
N PRO D 175 -20.44 7.45 0.87
CA PRO D 175 -20.77 8.74 1.42
C PRO D 175 -20.12 9.80 0.53
N LYS D 176 -20.92 10.78 0.11
CA LYS D 176 -20.44 11.94 -0.61
C LYS D 176 -19.25 12.60 0.22
N ASN D 177 -19.48 12.71 1.51
CA ASN D 177 -18.53 13.36 2.44
C ASN D 177 -17.11 12.78 2.59
N ASP D 178 -16.89 11.54 2.20
CA ASP D 178 -15.62 10.95 2.31
C ASP D 178 -15.38 10.15 1.12
N LEU D 179 -15.89 10.61 -0.03
CA LEU D 179 -15.66 9.84 -1.24
C LEU D 179 -14.26 9.43 -1.67
N LEU D 180 -13.31 10.36 -1.71
CA LEU D 180 -12.03 10.09 -2.17
C LEU D 180 -11.29 9.00 -1.33
N GLN D 181 -11.41 9.15 -0.01
CA GLN D 181 -10.72 8.22 0.94
C GLN D 181 -11.30 6.81 0.78
N ARG D 182 -12.63 6.75 0.74
CA ARG D 182 -13.35 5.48 0.51
C ARG D 182 -12.92 4.85 -0.74
N LEU D 183 -12.77 5.63 -1.81
CA LEU D 183 -12.17 5.15 -3.05
C LEU D 183 -10.78 4.71 -2.94
N ASP D 184 -9.91 5.50 -2.31
CA ASP D 184 -8.50 5.07 -2.19
C ASP D 184 -8.48 3.77 -1.35
N ALA D 185 -9.39 3.61 -0.39
CA ALA D 185 -9.45 2.42 0.50
C ALA D 185 -9.82 1.16 -0.30
N LEU D 186 -10.86 1.27 -1.15
CA LEU D 186 -11.21 0.18 -2.07
C LEU D 186 -10.01 -0.23 -2.90
N VAL D 187 -9.25 0.71 -3.44
CA VAL D 187 -8.11 0.44 -4.29
C VAL D 187 -6.88 -0.15 -3.59
N ALA D 188 -6.72 0.15 -2.30
CA ALA D 188 -5.54 -0.37 -1.58
C ALA D 188 -5.71 -1.90 -1.30
N GLU D 189 -7.00 -2.26 -1.16
CA GLU D 189 -7.44 -3.56 -0.66
C GLU D 189 -8.02 -4.52 -1.71
N GLU D 190 -8.63 -4.03 -2.79
CA GLU D 190 -9.31 -4.89 -3.80
C GLU D 190 -8.77 -4.72 -5.23
N HIS D 191 -8.90 -5.81 -5.99
CA HIS D 191 -8.42 -5.91 -7.33
C HIS D 191 -9.48 -5.16 -8.13
N LEU D 192 -9.20 -3.89 -8.37
CA LEU D 192 -10.18 -3.06 -9.09
C LEU D 192 -9.57 -1.74 -9.45
N THR D 193 -10.22 -1.06 -10.39
CA THR D 193 -9.81 0.28 -10.89
C THR D 193 -10.97 1.29 -10.78
N VAL D 194 -10.60 2.53 -10.42
CA VAL D 194 -11.60 3.56 -10.23
C VAL D 194 -11.53 4.29 -11.54
N ASP D 195 -12.68 4.80 -11.94
CA ASP D 195 -12.76 5.54 -13.18
C ASP D 195 -12.18 6.93 -12.93
N ALA D 196 -11.49 7.44 -13.93
CA ALA D 196 -10.86 8.79 -13.90
C ALA D 196 -11.88 9.93 -13.66
N ARG D 197 -13.09 9.81 -14.20
N ARG D 197 -13.08 9.83 -14.25
CA ARG D 197 -14.13 10.80 -13.97
CA ARG D 197 -14.17 10.79 -13.97
C ARG D 197 -14.72 10.74 -12.54
C ARG D 197 -14.57 10.75 -12.50
N VAL D 198 -14.81 9.54 -11.96
CA VAL D 198 -15.26 9.41 -10.56
C VAL D 198 -14.18 9.97 -9.55
N TYR D 199 -12.95 9.74 -9.89
CA TYR D 199 -11.85 10.16 -9.08
C TYR D 199 -11.63 11.66 -9.21
N SER D 200 -11.80 12.22 -10.39
CA SER D 200 -11.75 13.70 -10.51
C SER D 200 -12.87 14.32 -9.72
N TYR D 201 -14.11 13.75 -9.75
CA TYR D 201 -15.26 14.22 -8.95
C TYR D 201 -14.85 14.21 -7.47
N ALA D 202 -14.31 13.07 -7.05
CA ALA D 202 -13.92 12.85 -5.64
C ALA D 202 -12.81 13.90 -5.22
N LEU D 203 -11.80 14.05 -6.03
CA LEU D 203 -10.77 15.09 -5.83
C LEU D 203 -11.33 16.46 -5.57
N ALA D 204 -12.18 16.86 -6.50
CA ALA D 204 -12.81 18.16 -6.41
C ALA D 204 -13.71 18.36 -5.17
N LEU D 205 -14.29 17.28 -4.63
CA LEU D 205 -15.06 17.42 -3.37
C LEU D 205 -14.17 17.88 -2.20
N LYS D 206 -12.91 17.47 -2.28
CA LYS D 206 -11.95 17.84 -1.28
C LYS D 206 -11.35 19.18 -1.62
N HIS D 207 -11.06 19.41 -2.91
CA HIS D 207 -10.45 20.71 -3.28
C HIS D 207 -11.32 21.95 -3.23
N ALA D 208 -12.64 21.77 -3.30
CA ALA D 208 -13.61 22.85 -3.16
C ALA D 208 -13.38 23.69 -1.95
N ASN D 209 -13.62 25.00 -2.09
CA ASN D 209 -13.35 26.10 -1.12
C ASN D 209 -12.39 27.11 -1.75
#